data_2ZSV
#
_entry.id   2ZSV
#
_cell.length_a   66.487
_cell.length_b   89.539
_cell.length_c   89.932
_cell.angle_alpha   90.00
_cell.angle_beta   111.68
_cell.angle_gamma   90.00
#
_symmetry.space_group_name_H-M   'P 1 21 1'
#
loop_
_entity.id
_entity.type
_entity.pdbx_description
1 polymer 'H-2 class I histocompatibility antigen, K-B alpha chain'
2 polymer Beta-2-microglobulin
3 polymer '8-mer peptide from spike glycoprotein'
4 non-polymer GLYCEROL
5 non-polymer CYSTEINE
6 water water
#
loop_
_entity_poly.entity_id
_entity_poly.type
_entity_poly.pdbx_seq_one_letter_code
_entity_poly.pdbx_strand_id
1 'polypeptide(L)'
;GPHSLRYFVTAVSRPGLGEPRYMEVGYVDDTEFVRFDSDAENPRYEPRARWMEQEGPEYWERETQKAKGNEQSFRVDLRT
LLGYYNQSKGGSHTIQVISGCEVGSDGRLLRGYQQYAYDGCDYIALNEDLKTWTAADMAALITKHKWEQAGEAERLRAYL
EGTCVEWLRRYLKNGNATLLRTDSPKAHVTHHSRPEDKVTLRCWALGFYPADITLTWQLNGEELIQDMELVETRPAGDGT
FQKWASVVVPLGKEQYYTCHVYHQGLPEPLTLRWEPPP
;
A,C
2 'polypeptide(L)'
;IQKTPQIQVYSRHPPENGKPNILNCYVTQFHPPHIEIQMLKNGKKIPKVEMSDMSFSKDWSFYILAHTEFTPTETDTYAC
RVKHDSMAEPKTVYWDRDM
;
B,D
3 'polypeptide(L)' R(ABA)QIFANI E,F
#
# COMPACT_ATOMS: atom_id res chain seq x y z
N GLY A 1 2.03 4.80 -5.86
CA GLY A 1 1.26 4.30 -4.66
C GLY A 1 0.34 5.43 -4.20
N PRO A 2 -0.26 5.31 -3.01
CA PRO A 2 -1.28 6.31 -2.62
C PRO A 2 -0.65 7.61 -2.08
N HIS A 3 -1.42 8.69 -2.03
CA HIS A 3 -0.89 9.98 -1.52
C HIS A 3 -1.93 10.63 -0.63
N SER A 4 -1.50 11.60 0.18
CA SER A 4 -2.45 12.23 1.10
C SER A 4 -2.12 13.72 1.27
N LEU A 5 -3.15 14.51 1.52
CA LEU A 5 -3.07 15.90 1.92
C LEU A 5 -3.83 16.02 3.25
N ARG A 6 -3.17 16.47 4.31
CA ARG A 6 -3.80 16.50 5.62
C ARG A 6 -3.47 17.83 6.25
N TYR A 7 -4.42 18.41 6.97
CA TYR A 7 -4.15 19.59 7.82
C TYR A 7 -4.37 19.25 9.30
N PHE A 8 -3.42 19.65 10.13
CA PHE A 8 -3.40 19.42 11.57
C PHE A 8 -3.51 20.81 12.16
N VAL A 9 -4.60 21.02 12.86
CA VAL A 9 -4.91 22.33 13.38
C VAL A 9 -4.92 22.29 14.89
N THR A 10 -4.43 23.36 15.50
CA THR A 10 -4.46 23.45 16.96
C THR A 10 -4.98 24.82 17.34
N ALA A 11 -5.86 24.86 18.34
CA ALA A 11 -6.26 26.15 18.94
C ALA A 11 -6.20 26.00 20.43
N VAL A 12 -5.43 26.88 21.09
CA VAL A 12 -5.15 26.71 22.52
C VAL A 12 -5.43 28.03 23.22
N SER A 13 -6.40 28.04 24.12
CA SER A 13 -6.67 29.26 24.87
C SER A 13 -5.59 29.49 25.96
N ARG A 14 -5.42 30.75 26.34
CA ARG A 14 -4.51 31.10 27.42
C ARG A 14 -5.15 32.25 28.19
N PRO A 15 -6.18 31.97 29.00
CA PRO A 15 -6.92 33.09 29.58
C PRO A 15 -6.04 33.98 30.45
N GLY A 16 -6.25 35.29 30.33
CA GLY A 16 -5.47 36.30 31.02
C GLY A 16 -4.05 36.51 30.51
N LEU A 17 -3.65 35.79 29.45
CA LEU A 17 -2.28 35.94 28.94
C LEU A 17 -2.27 36.36 27.48
N GLY A 18 -3.42 36.32 26.85
CA GLY A 18 -3.46 36.71 25.47
C GLY A 18 -4.55 35.98 24.70
N GLU A 19 -4.56 36.18 23.40
CA GLU A 19 -5.56 35.53 22.56
C GLU A 19 -5.17 34.09 22.37
N PRO A 20 -6.14 33.23 22.01
CA PRO A 20 -5.73 31.84 21.79
C PRO A 20 -4.62 31.77 20.74
N ARG A 21 -3.78 30.73 20.83
CA ARG A 21 -2.79 30.47 19.83
C ARG A 21 -3.39 29.51 18.82
N TYR A 22 -3.27 29.84 17.53
CA TYR A 22 -3.87 29.04 16.48
C TYR A 22 -2.78 28.66 15.50
N MET A 23 -2.74 27.36 15.14
CA MET A 23 -1.78 26.91 14.15
CA MET A 23 -1.75 26.84 14.20
C MET A 23 -2.51 26.02 13.16
N GLU A 24 -2.12 26.15 11.90
CA GLU A 24 -2.66 25.33 10.85
C GLU A 24 -1.44 24.79 10.13
N VAL A 25 -1.30 23.45 10.02
CA VAL A 25 -0.07 22.88 9.46
C VAL A 25 -0.52 21.88 8.40
N GLY A 26 0.08 21.96 7.21
CA GLY A 26 -0.29 21.08 6.10
C GLY A 26 0.79 20.08 5.76
N TYR A 27 0.35 18.87 5.35
CA TYR A 27 1.28 17.78 5.06
C TYR A 27 0.89 17.16 3.73
N VAL A 28 1.88 16.93 2.86
CA VAL A 28 1.67 16.09 1.68
C VAL A 28 2.44 14.82 1.98
N ASP A 29 1.75 13.67 1.90
CA ASP A 29 2.33 12.41 2.33
C ASP A 29 3.11 12.56 3.63
N ASP A 30 2.49 13.13 4.67
CA ASP A 30 3.20 13.22 5.95
C ASP A 30 4.50 14.02 5.98
N THR A 31 4.76 14.84 4.97
CA THR A 31 5.86 15.78 5.05
C THR A 31 5.29 17.19 5.12
N GLU A 32 5.71 17.99 6.09
CA GLU A 32 5.11 19.30 6.28
C GLU A 32 5.44 20.20 5.09
N PHE A 33 4.47 20.94 4.56
CA PHE A 33 4.74 21.75 3.37
C PHE A 33 4.29 23.20 3.52
N VAL A 34 3.44 23.47 4.49
CA VAL A 34 2.97 24.84 4.80
C VAL A 34 2.64 24.96 6.29
N ARG A 35 2.75 26.16 6.85
CA ARG A 35 2.32 26.38 8.24
C ARG A 35 1.87 27.83 8.41
N PHE A 36 0.80 27.99 9.20
CA PHE A 36 0.36 29.29 9.65
C PHE A 36 0.40 29.26 11.16
N ASP A 37 0.98 30.29 11.80
CA ASP A 37 1.09 30.39 13.25
C ASP A 37 0.63 31.79 13.68
N SER A 38 -0.47 31.85 14.42
CA SER A 38 -1.15 33.12 14.76
C SER A 38 -0.32 33.99 15.68
N ASP A 39 0.71 33.43 16.28
CA ASP A 39 1.47 34.19 17.28
C ASP A 39 2.40 35.27 16.68
N ALA A 40 1.80 36.30 16.06
CA ALA A 40 2.55 37.34 15.33
C ALA A 40 1.68 38.59 15.07
N GLU A 41 2.32 39.75 14.86
CA GLU A 41 1.59 41.00 14.59
C GLU A 41 0.76 40.93 13.32
N ASN A 42 1.40 40.46 12.25
CA ASN A 42 0.76 40.33 10.96
C ASN A 42 1.05 38.91 10.48
N PRO A 43 0.39 37.91 11.11
CA PRO A 43 0.73 36.51 10.85
C PRO A 43 0.39 36.10 9.41
N ARG A 44 1.17 35.20 8.82
CA ARG A 44 0.94 34.75 7.44
C ARG A 44 1.26 33.27 7.21
N TYR A 45 0.66 32.68 6.17
CA TYR A 45 1.07 31.35 5.69
C TYR A 45 2.54 31.40 5.25
N GLU A 46 3.32 30.37 5.63
CA GLU A 46 4.72 30.25 5.18
C GLU A 46 4.94 28.90 4.52
N PRO A 47 5.78 28.84 3.46
CA PRO A 47 6.11 27.54 2.92
C PRO A 47 7.01 26.82 3.91
N ARG A 48 6.93 25.50 3.93
CA ARG A 48 7.77 24.70 4.77
C ARG A 48 8.47 23.65 3.96
N ALA A 49 8.08 23.53 2.71
CA ALA A 49 8.88 22.74 1.78
C ALA A 49 9.32 23.73 0.71
N ARG A 50 10.58 23.67 0.31
CA ARG A 50 11.12 24.68 -0.63
C ARG A 50 10.39 24.77 -1.99
N TRP A 51 9.95 23.64 -2.52
CA TRP A 51 9.20 23.63 -3.76
C TRP A 51 7.91 24.47 -3.72
N MET A 52 7.42 24.78 -2.53
CA MET A 52 6.21 25.62 -2.41
C MET A 52 6.41 27.07 -2.85
N GLU A 53 7.65 27.49 -3.06
CA GLU A 53 7.91 28.87 -3.55
C GLU A 53 7.36 29.09 -4.95
N GLN A 54 7.08 27.99 -5.65
CA GLN A 54 6.36 28.01 -6.92
C GLN A 54 4.98 28.68 -6.88
N GLU A 55 4.32 28.67 -5.72
CA GLU A 55 3.00 29.35 -5.64
C GLU A 55 3.19 30.86 -5.56
N GLY A 56 2.37 31.62 -6.29
CA GLY A 56 2.51 33.09 -6.28
C GLY A 56 1.83 33.79 -5.11
N PRO A 57 2.04 35.10 -5.00
CA PRO A 57 1.51 35.91 -3.89
C PRO A 57 0.00 35.77 -3.69
N GLU A 58 -0.79 35.61 -4.75
CA GLU A 58 -2.22 35.44 -4.57
C GLU A 58 -2.53 34.19 -3.72
N TYR A 59 -1.80 33.11 -3.96
CA TYR A 59 -1.97 31.89 -3.17
C TYR A 59 -1.75 32.20 -1.68
N TRP A 60 -0.60 32.77 -1.38
CA TRP A 60 -0.25 33.00 0.03
C TRP A 60 -1.25 33.94 0.71
N GLU A 61 -1.69 34.95 -0.03
CA GLU A 61 -2.69 35.88 0.49
C GLU A 61 -4.03 35.18 0.79
N ARG A 62 -4.49 34.31 -0.12
CA ARG A 62 -5.76 33.62 0.07
C ARG A 62 -5.70 32.67 1.27
N GLU A 63 -4.61 31.92 1.38
CA GLU A 63 -4.47 30.93 2.45
C GLU A 63 -4.34 31.64 3.79
N THR A 64 -3.66 32.79 3.77
CA THR A 64 -3.48 33.57 4.99
C THR A 64 -4.83 34.08 5.50
N GLN A 65 -5.65 34.67 4.62
CA GLN A 65 -6.94 35.22 5.10
C GLN A 65 -7.91 34.14 5.52
N LYS A 66 -7.89 33.02 4.81
CA LYS A 66 -8.70 31.88 5.25
C LYS A 66 -8.23 31.33 6.61
N ALA A 67 -6.93 31.26 6.85
CA ALA A 67 -6.44 30.77 8.16
C ALA A 67 -6.85 31.73 9.29
N LYS A 68 -6.77 33.02 9.00
CA LYS A 68 -7.21 34.04 9.97
C LYS A 68 -8.69 33.88 10.30
N GLY A 69 -9.52 33.58 9.29
CA GLY A 69 -10.94 33.37 9.57
C GLY A 69 -11.15 32.09 10.37
N ASN A 70 -10.47 31.01 9.97
CA ASN A 70 -10.47 29.76 10.76
C ASN A 70 -10.08 30.02 12.20
N GLU A 71 -8.98 30.76 12.41
CA GLU A 71 -8.52 31.11 13.77
C GLU A 71 -9.64 31.77 14.57
N GLN A 72 -10.35 32.69 13.93
CA GLN A 72 -11.43 33.37 14.63
C GLN A 72 -12.60 32.45 14.93
N SER A 73 -12.90 31.52 14.04
CA SER A 73 -13.92 30.54 14.36
C SER A 73 -13.56 29.70 15.60
N PHE A 74 -12.32 29.26 15.68
CA PHE A 74 -11.91 28.43 16.81
C PHE A 74 -11.87 29.22 18.12
N ARG A 75 -11.58 30.52 18.04
CA ARG A 75 -11.67 31.38 19.21
C ARG A 75 -13.10 31.31 19.77
N VAL A 76 -14.09 31.42 18.88
CA VAL A 76 -15.48 31.22 19.32
C VAL A 76 -15.73 29.81 19.89
N ASP A 77 -15.28 28.78 19.19
CA ASP A 77 -15.45 27.38 19.60
C ASP A 77 -14.92 27.12 21.00
N LEU A 78 -13.73 27.66 21.30
CA LEU A 78 -13.15 27.52 22.64
C LEU A 78 -14.16 28.01 23.70
N ARG A 79 -14.82 29.14 23.43
CA ARG A 79 -15.85 29.66 24.34
C ARG A 79 -17.09 28.77 24.39
N THR A 80 -17.53 28.29 23.22
CA THR A 80 -18.66 27.38 23.13
C THR A 80 -18.44 26.11 23.97
N LEU A 81 -17.22 25.55 23.89
CA LEU A 81 -16.93 24.31 24.62
C LEU A 81 -16.94 24.49 26.16
N LEU A 82 -16.52 25.66 26.65
CA LEU A 82 -16.68 25.97 28.06
C LEU A 82 -18.14 25.82 28.53
N GLY A 83 -19.08 26.34 27.73
CA GLY A 83 -20.51 26.17 28.00
C GLY A 83 -20.95 24.71 27.94
N TYR A 84 -20.54 23.98 26.89
CA TYR A 84 -20.93 22.58 26.73
C TYR A 84 -20.48 21.71 27.91
N TYR A 85 -19.26 21.93 28.41
CA TYR A 85 -18.72 21.09 29.46
C TYR A 85 -18.83 21.69 30.85
N ASN A 86 -19.45 22.87 30.93
CA ASN A 86 -19.58 23.59 32.20
C ASN A 86 -18.21 23.79 32.83
N GLN A 87 -17.31 24.41 32.07
CA GLN A 87 -15.97 24.60 32.55
C GLN A 87 -15.74 26.08 32.81
N SER A 88 -14.82 26.37 33.72
CA SER A 88 -14.39 27.72 34.10
C SER A 88 -13.78 28.54 32.97
N LYS A 89 -13.98 29.85 32.99
CA LYS A 89 -13.33 30.70 32.00
C LYS A 89 -11.81 30.87 32.25
N GLY A 90 -11.30 30.40 33.39
CA GLY A 90 -9.90 30.62 33.76
C GLY A 90 -8.84 29.64 33.24
N GLY A 91 -9.24 28.42 32.86
CA GLY A 91 -8.28 27.38 32.45
C GLY A 91 -7.88 27.36 30.95
N SER A 92 -6.70 26.83 30.65
CA SER A 92 -6.31 26.65 29.25
C SER A 92 -6.92 25.35 28.66
N HIS A 93 -7.42 25.42 27.42
CA HIS A 93 -7.96 24.20 26.77
C HIS A 93 -7.48 24.17 25.32
N THR A 94 -7.57 23.00 24.65
CA THR A 94 -6.95 22.82 23.39
C THR A 94 -7.96 22.15 22.47
N ILE A 95 -8.17 22.71 21.28
CA ILE A 95 -8.92 21.97 20.27
C ILE A 95 -7.91 21.56 19.21
N GLN A 96 -8.02 20.34 18.69
CA GLN A 96 -7.19 19.91 17.59
C GLN A 96 -8.07 19.27 16.54
N VAL A 97 -7.67 19.39 15.28
CA VAL A 97 -8.37 18.73 14.17
C VAL A 97 -7.33 18.17 13.24
N ILE A 98 -7.63 17.01 12.70
CA ILE A 98 -6.90 16.49 11.55
C ILE A 98 -7.98 16.28 10.49
N SER A 99 -7.70 16.77 9.29
CA SER A 99 -8.71 16.92 8.21
C SER A 99 -7.94 16.65 6.92
N GLY A 100 -8.42 15.75 6.05
CA GLY A 100 -7.71 15.59 4.79
C GLY A 100 -8.22 14.47 3.92
N CYS A 101 -7.45 14.15 2.90
CA CYS A 101 -7.87 13.16 1.91
C CYS A 101 -6.72 12.27 1.56
N GLU A 102 -7.01 11.00 1.35
CA GLU A 102 -6.03 10.06 0.87
C GLU A 102 -6.52 9.59 -0.52
N VAL A 103 -5.65 9.63 -1.52
CA VAL A 103 -6.03 9.20 -2.88
C VAL A 103 -5.15 8.05 -3.35
N GLY A 104 -5.71 7.19 -4.21
CA GLY A 104 -4.96 6.05 -4.72
C GLY A 104 -4.09 6.51 -5.86
N SER A 105 -3.29 5.59 -6.41
CA SER A 105 -2.40 5.98 -7.53
C SER A 105 -3.19 6.33 -8.79
N ASP A 106 -4.46 5.94 -8.82
CA ASP A 106 -5.31 6.28 -9.96
C ASP A 106 -5.94 7.66 -9.83
N GLY A 107 -5.59 8.38 -8.77
CA GLY A 107 -6.25 9.66 -8.47
C GLY A 107 -7.65 9.62 -7.85
N ARG A 108 -8.17 8.44 -7.53
CA ARG A 108 -9.49 8.37 -6.88
C ARG A 108 -9.40 8.56 -5.36
N LEU A 109 -10.41 9.18 -4.75
CA LEU A 109 -10.44 9.29 -3.29
C LEU A 109 -10.56 7.91 -2.63
N LEU A 110 -9.61 7.56 -1.79
CA LEU A 110 -9.74 6.35 -0.97
C LEU A 110 -10.44 6.64 0.38
N ARG A 111 -10.14 7.78 1.01
CA ARG A 111 -10.74 8.08 2.30
C ARG A 111 -10.65 9.57 2.50
N GLY A 112 -11.77 10.15 2.88
CA GLY A 112 -11.75 11.54 3.33
C GLY A 112 -12.04 11.50 4.81
N TYR A 113 -11.49 12.43 5.57
CA TYR A 113 -11.77 12.34 6.99
C TYR A 113 -11.57 13.67 7.71
N GLN A 114 -12.12 13.75 8.91
CA GLN A 114 -12.00 14.94 9.73
C GLN A 114 -12.31 14.54 11.17
N GLN A 115 -11.31 14.72 12.04
CA GLN A 115 -11.40 14.25 13.39
C GLN A 115 -11.05 15.41 14.29
N TYR A 116 -11.90 15.67 15.25
CA TYR A 116 -11.69 16.74 16.24
C TYR A 116 -11.36 16.08 17.58
N ALA A 117 -10.57 16.77 18.38
CA ALA A 117 -10.31 16.36 19.74
C ALA A 117 -10.41 17.60 20.62
N TYR A 118 -10.78 17.37 21.87
CA TYR A 118 -10.77 18.47 22.85
C TYR A 118 -10.02 18.00 24.07
N ASP A 119 -9.08 18.82 24.52
CA ASP A 119 -8.16 18.47 25.59
C ASP A 119 -7.60 17.05 25.46
N GLY A 120 -7.19 16.67 24.26
CA GLY A 120 -6.48 15.42 24.04
C GLY A 120 -7.37 14.18 23.88
N CYS A 121 -8.68 14.37 23.90
CA CYS A 121 -9.63 13.26 23.73
C CYS A 121 -10.49 13.43 22.51
N ASP A 122 -10.77 12.34 21.83
CA ASP A 122 -11.69 12.40 20.70
C ASP A 122 -12.99 13.09 21.04
N TYR A 123 -13.44 13.94 20.13
CA TYR A 123 -14.65 14.70 20.28
C TYR A 123 -15.70 14.34 19.21
N ILE A 124 -15.40 14.58 17.92
CA ILE A 124 -16.36 14.19 16.86
C ILE A 124 -15.59 13.77 15.60
N ALA A 125 -16.13 12.84 14.81
CA ALA A 125 -15.44 12.41 13.61
C ALA A 125 -16.38 12.24 12.43
N LEU A 126 -15.91 12.54 11.23
CA LEU A 126 -16.73 12.28 10.06
C LEU A 126 -16.62 10.79 9.72
N ASN A 127 -17.77 10.12 9.55
CA ASN A 127 -17.75 8.69 9.20
C ASN A 127 -17.25 8.42 7.77
N GLU A 128 -16.83 7.19 7.48
CA GLU A 128 -16.25 6.87 6.17
C GLU A 128 -17.20 7.21 5.02
N ASP A 129 -18.50 7.21 5.31
CA ASP A 129 -19.53 7.43 4.30
C ASP A 129 -19.59 8.88 3.84
N LEU A 130 -18.89 9.77 4.57
CA LEU A 130 -18.90 11.21 4.30
C LEU A 130 -20.29 11.82 4.42
N LYS A 131 -21.16 11.16 5.16
CA LYS A 131 -22.51 11.69 5.33
C LYS A 131 -22.92 11.92 6.77
N THR A 132 -22.35 11.15 7.68
CA THR A 132 -22.74 11.22 9.09
C THR A 132 -21.53 11.36 10.02
N TRP A 133 -21.82 11.67 11.27
CA TRP A 133 -20.83 11.96 12.29
C TRP A 133 -20.87 10.95 13.44
N THR A 134 -19.73 10.68 14.05
CA THR A 134 -19.71 9.94 15.30
C THR A 134 -19.25 10.88 16.43
N ALA A 135 -20.16 11.11 17.37
CA ALA A 135 -19.85 11.91 18.56
C ALA A 135 -19.27 11.02 19.66
N ALA A 136 -18.27 11.53 20.37
CA ALA A 136 -17.62 10.78 21.45
C ALA A 136 -18.27 10.93 22.82
N ASP A 137 -18.99 12.04 23.05
CA ASP A 137 -19.62 12.29 24.35
C ASP A 137 -20.86 13.12 24.12
N MET A 138 -21.54 13.49 25.20
CA MET A 138 -22.78 14.29 25.12
C MET A 138 -22.56 15.70 24.51
N ALA A 139 -21.43 16.31 24.80
CA ALA A 139 -21.15 17.66 24.23
C ALA A 139 -21.03 17.55 22.72
N ALA A 140 -20.31 16.54 22.23
CA ALA A 140 -20.17 16.39 20.80
C ALA A 140 -21.51 16.06 20.11
N LEU A 141 -22.46 15.53 20.88
CA LEU A 141 -23.81 15.33 20.31
C LEU A 141 -24.47 16.65 19.97
N ILE A 142 -24.19 17.70 20.75
CA ILE A 142 -24.74 18.98 20.40
C ILE A 142 -24.16 19.45 19.05
N THR A 143 -22.85 19.29 18.86
CA THR A 143 -22.23 19.64 17.60
C THR A 143 -22.78 18.82 16.44
N LYS A 144 -22.88 17.53 16.65
CA LYS A 144 -23.43 16.62 15.66
C LYS A 144 -24.81 17.11 15.20
N HIS A 145 -25.69 17.39 16.15
CA HIS A 145 -27.03 17.83 15.77
C HIS A 145 -26.99 19.15 15.01
N LYS A 146 -26.08 20.04 15.39
CA LYS A 146 -25.98 21.34 14.75
C LYS A 146 -25.50 21.16 13.30
N TRP A 147 -24.47 20.33 13.12
CA TRP A 147 -23.91 20.14 11.80
C TRP A 147 -24.85 19.37 10.90
N GLU A 148 -25.61 18.41 11.46
CA GLU A 148 -26.69 17.71 10.72
C GLU A 148 -27.79 18.65 10.24
N GLN A 149 -28.10 19.67 11.04
CA GLN A 149 -29.19 20.62 10.70
C GLN A 149 -28.71 21.67 9.73
N ALA A 150 -27.40 21.74 9.52
CA ALA A 150 -26.85 22.81 8.72
C ALA A 150 -26.28 22.35 7.37
N GLY A 151 -26.49 21.09 7.03
CA GLY A 151 -25.94 20.56 5.78
C GLY A 151 -24.42 20.59 5.77
N GLU A 152 -23.81 20.50 6.96
CA GLU A 152 -22.36 20.58 7.06
C GLU A 152 -21.68 19.40 6.36
N ALA A 153 -22.26 18.21 6.47
CA ALA A 153 -21.65 17.04 5.84
C ALA A 153 -21.50 17.18 4.33
N GLU A 154 -22.49 17.78 3.67
CA GLU A 154 -22.39 17.91 2.23
C GLU A 154 -21.34 18.95 1.86
N ARG A 155 -21.22 19.98 2.68
CA ARG A 155 -20.22 21.03 2.45
C ARG A 155 -18.83 20.40 2.60
N LEU A 156 -18.68 19.57 3.62
CA LEU A 156 -17.38 18.94 3.88
C LEU A 156 -17.05 17.88 2.84
N ARG A 157 -18.06 17.12 2.43
CA ARG A 157 -17.84 16.14 1.36
C ARG A 157 -17.38 16.80 0.05
N ALA A 158 -17.99 17.95 -0.28
CA ALA A 158 -17.60 18.67 -1.47
C ALA A 158 -16.11 19.09 -1.39
N TYR A 159 -15.70 19.50 -0.19
CA TYR A 159 -14.31 19.86 0.01
C TYR A 159 -13.40 18.63 -0.18
N LEU A 160 -13.76 17.52 0.45
CA LEU A 160 -12.88 16.33 0.49
C LEU A 160 -12.78 15.68 -0.90
N GLU A 161 -13.88 15.67 -1.63
CA GLU A 161 -13.90 15.04 -2.94
C GLU A 161 -13.39 15.98 -4.02
N GLY A 162 -13.43 17.29 -3.75
CA GLY A 162 -13.16 18.36 -4.76
C GLY A 162 -11.84 19.06 -4.46
N THR A 163 -11.94 20.21 -3.79
CA THR A 163 -10.76 20.97 -3.42
C THR A 163 -9.57 20.11 -2.94
N CYS A 164 -9.80 19.20 -2.00
CA CYS A 164 -8.70 18.48 -1.34
C CYS A 164 -7.94 17.63 -2.35
N VAL A 165 -8.69 16.84 -3.13
CA VAL A 165 -8.12 16.03 -4.18
C VAL A 165 -7.42 16.86 -5.26
N GLU A 166 -8.06 17.94 -5.69
CA GLU A 166 -7.50 18.76 -6.74
C GLU A 166 -6.22 19.45 -6.36
N TRP A 167 -6.17 20.02 -5.16
CA TRP A 167 -4.94 20.65 -4.73
C TRP A 167 -3.87 19.65 -4.40
N LEU A 168 -4.26 18.49 -3.89
CA LEU A 168 -3.25 17.44 -3.62
C LEU A 168 -2.54 17.15 -4.95
N ARG A 169 -3.31 17.00 -6.04
CA ARG A 169 -2.71 16.74 -7.36
C ARG A 169 -1.73 17.85 -7.80
N ARG A 170 -2.14 19.11 -7.66
CA ARG A 170 -1.23 20.21 -7.89
C ARG A 170 0.04 20.15 -7.03
N TYR A 171 -0.07 19.88 -5.73
CA TYR A 171 1.13 19.87 -4.87
C TYR A 171 2.07 18.72 -5.23
N LEU A 172 1.51 17.56 -5.57
CA LEU A 172 2.33 16.42 -5.96
C LEU A 172 3.11 16.71 -7.24
N LYS A 173 2.46 17.36 -8.20
CA LYS A 173 3.07 17.79 -9.46
C LYS A 173 4.26 18.70 -9.15
N ASN A 174 4.01 19.68 -8.29
CA ASN A 174 5.02 20.67 -7.97
C ASN A 174 6.15 20.13 -7.08
N GLY A 175 5.86 19.11 -6.28
CA GLY A 175 6.84 18.59 -5.34
C GLY A 175 7.57 17.30 -5.71
N ASN A 176 7.41 16.81 -6.94
CA ASN A 176 8.03 15.52 -7.32
C ASN A 176 9.17 15.64 -8.32
N ARG A 181 12.69 11.02 -2.80
CA ARG A 181 13.85 11.32 -1.96
C ARG A 181 14.00 10.23 -0.90
N THR A 182 15.06 9.43 -1.01
CA THR A 182 15.44 8.60 0.13
C THR A 182 16.92 8.78 0.38
N ASP A 183 17.29 8.63 1.65
CA ASP A 183 18.68 8.57 2.04
C ASP A 183 18.80 7.28 2.81
N SER A 184 19.69 6.41 2.33
CA SER A 184 19.92 5.11 2.93
C SER A 184 20.60 5.29 4.29
N PRO A 185 20.33 4.41 5.23
CA PRO A 185 21.09 4.54 6.49
C PRO A 185 22.56 4.14 6.30
N LYS A 186 23.45 4.77 7.07
CA LYS A 186 24.79 4.26 7.25
C LYS A 186 24.79 3.64 8.64
N ALA A 187 25.30 2.42 8.75
CA ALA A 187 25.21 1.68 9.99
C ALA A 187 26.61 1.30 10.55
N HIS A 188 26.69 1.17 11.87
CA HIS A 188 27.92 0.69 12.50
C HIS A 188 27.61 0.14 13.88
N VAL A 189 28.50 -0.71 14.37
CA VAL A 189 28.24 -1.32 15.66
C VAL A 189 29.26 -0.77 16.64
N THR A 190 28.80 -0.29 17.79
CA THR A 190 29.72 0.07 18.87
C THR A 190 29.70 -0.99 19.97
N HIS A 191 30.74 -0.96 20.79
CA HIS A 191 31.01 -1.94 21.84
C HIS A 191 31.20 -1.19 23.17
N HIS A 192 30.48 -1.57 24.21
CA HIS A 192 30.52 -0.90 25.55
C HIS A 192 30.50 -1.93 26.66
N SER A 193 31.14 -1.62 27.79
CA SER A 193 31.26 -2.62 28.88
C SER A 193 29.99 -2.84 29.74
N ARG A 194 29.84 -4.03 30.33
CA ARG A 194 28.75 -4.34 31.28
C ARG A 194 29.33 -4.99 32.56
N PRO A 195 28.58 -5.05 33.67
CA PRO A 195 29.13 -5.87 34.75
C PRO A 195 29.85 -7.10 34.19
N GLU A 196 31.15 -7.16 34.44
CA GLU A 196 32.04 -7.33 33.29
C GLU A 196 32.48 -8.63 32.71
N ASP A 197 31.93 -9.82 32.97
CA ASP A 197 31.66 -10.77 31.84
C ASP A 197 30.62 -10.59 30.75
N LYS A 198 30.12 -9.39 30.62
CA LYS A 198 29.10 -9.13 29.58
C LYS A 198 29.53 -7.86 28.87
N VAL A 199 29.10 -7.70 27.63
CA VAL A 199 29.39 -6.48 26.88
C VAL A 199 28.11 -6.09 26.16
N THR A 200 27.98 -4.80 25.86
CA THR A 200 26.82 -4.33 25.13
C THR A 200 27.25 -4.05 23.68
N LEU A 201 26.50 -4.60 22.72
CA LEU A 201 26.74 -4.31 21.33
C LEU A 201 25.56 -3.43 20.90
N ARG A 202 25.87 -2.28 20.29
CA ARG A 202 24.85 -1.28 19.89
C ARG A 202 24.94 -1.03 18.40
N CYS A 203 23.87 -1.37 17.69
CA CYS A 203 23.84 -1.21 16.28
C CYS A 203 23.12 0.10 15.94
N TRP A 204 23.86 0.97 15.28
CA TRP A 204 23.41 2.31 14.89
C TRP A 204 23.05 2.42 13.41
N ALA A 205 21.93 3.08 13.16
CA ALA A 205 21.57 3.54 11.84
C ALA A 205 21.51 5.08 11.87
N LEU A 206 22.22 5.71 10.94
CA LEU A 206 22.32 7.17 10.91
C LEU A 206 22.09 7.71 9.52
N GLY A 207 21.62 8.94 9.45
CA GLY A 207 21.56 9.70 8.19
C GLY A 207 20.49 9.22 7.22
N PHE A 208 19.42 8.58 7.71
CA PHE A 208 18.46 8.00 6.79
C PHE A 208 17.19 8.82 6.66
N TYR A 209 16.52 8.66 5.52
CA TYR A 209 15.23 9.32 5.30
C TYR A 209 14.49 8.47 4.24
N PRO A 210 13.19 8.19 4.43
CA PRO A 210 12.37 8.61 5.57
C PRO A 210 12.61 7.84 6.86
N ALA A 211 11.80 8.14 7.86
CA ALA A 211 12.04 7.68 9.26
C ALA A 211 11.82 6.19 9.44
N ASP A 212 10.92 5.61 8.65
CA ASP A 212 10.59 4.18 8.81
C ASP A 212 11.83 3.32 8.66
N ILE A 213 12.10 2.46 9.64
CA ILE A 213 13.32 1.61 9.56
C ILE A 213 13.14 0.44 10.53
N THR A 214 13.88 -0.65 10.32
CA THR A 214 13.79 -1.77 11.27
C THR A 214 15.21 -2.25 11.52
N LEU A 215 15.55 -2.39 12.80
CA LEU A 215 16.86 -2.91 13.25
C LEU A 215 16.61 -4.20 13.99
N THR A 216 17.35 -5.26 13.67
CA THR A 216 17.24 -6.49 14.46
C THR A 216 18.66 -6.99 14.79
N TRP A 217 18.75 -7.80 15.83
CA TRP A 217 19.96 -8.55 16.13
C TRP A 217 19.63 -10.05 16.04
N GLN A 218 20.53 -10.83 15.43
CA GLN A 218 20.36 -12.28 15.29
C GLN A 218 21.50 -13.01 15.96
N LEU A 219 21.15 -14.14 16.59
CA LEU A 219 22.12 -15.12 17.12
C LEU A 219 21.64 -16.49 16.59
N ASN A 220 22.51 -17.25 15.96
CA ASN A 220 22.20 -18.64 15.55
C ASN A 220 20.99 -18.64 14.63
N GLY A 221 20.95 -17.64 13.75
CA GLY A 221 19.90 -17.54 12.73
C GLY A 221 18.54 -17.12 13.24
N GLU A 222 18.42 -16.70 14.48
CA GLU A 222 17.10 -16.23 14.91
C GLU A 222 17.20 -14.82 15.51
N GLU A 223 16.12 -14.03 15.38
CA GLU A 223 16.10 -12.66 15.91
C GLU A 223 15.96 -12.64 17.43
N LEU A 224 16.71 -11.77 18.11
CA LEU A 224 16.61 -11.59 19.56
C LEU A 224 15.56 -10.54 19.91
N ILE A 225 14.51 -10.94 20.61
CA ILE A 225 13.42 -10.00 20.89
C ILE A 225 13.41 -9.72 22.38
N GLN A 226 13.54 -10.78 23.17
CA GLN A 226 13.76 -10.64 24.61
C GLN A 226 15.01 -9.80 24.87
N ASP A 227 14.88 -8.82 25.75
CA ASP A 227 16.04 -8.06 26.21
C ASP A 227 16.83 -7.31 25.13
N MET A 228 16.30 -7.21 23.90
CA MET A 228 16.89 -6.23 22.99
C MET A 228 16.38 -4.82 23.31
N GLU A 229 17.29 -3.88 23.47
CA GLU A 229 16.91 -2.52 23.83
C GLU A 229 16.91 -1.68 22.55
N LEU A 230 15.93 -0.80 22.40
CA LEU A 230 15.75 -0.09 21.14
C LEU A 230 15.45 1.36 21.56
N VAL A 231 15.81 2.35 20.75
CA VAL A 231 15.28 3.69 21.03
C VAL A 231 14.24 4.00 19.96
N GLU A 232 13.26 4.83 20.31
CA GLU A 232 12.36 5.36 19.32
C GLU A 232 13.17 6.15 18.28
N THR A 233 12.79 6.00 17.03
CA THR A 233 13.46 6.68 15.92
C THR A 233 13.39 8.20 16.17
N ARG A 234 14.47 8.91 15.90
CA ARG A 234 14.56 10.31 16.35
C ARG A 234 15.24 11.18 15.31
N PRO A 235 14.80 12.45 15.21
CA PRO A 235 15.44 13.36 14.24
C PRO A 235 16.88 13.81 14.59
N ALA A 236 17.78 13.79 13.61
CA ALA A 236 19.12 14.30 13.79
C ALA A 236 19.06 15.84 13.81
N GLY A 237 18.02 16.39 13.19
CA GLY A 237 17.77 17.84 13.18
C GLY A 237 18.21 18.47 11.87
N ASP A 238 18.74 17.66 10.95
CA ASP A 238 19.15 18.13 9.62
C ASP A 238 18.27 17.54 8.52
N GLY A 239 17.13 16.98 8.93
CA GLY A 239 16.22 16.33 7.99
C GLY A 239 16.38 14.83 7.92
N THR A 240 17.44 14.30 8.55
CA THR A 240 17.61 12.84 8.63
C THR A 240 17.26 12.28 10.00
N PHE A 241 17.22 10.94 10.09
CA PHE A 241 16.82 10.29 11.34
C PHE A 241 17.86 9.32 11.86
N GLN A 242 17.70 8.90 13.11
CA GLN A 242 18.65 7.99 13.76
C GLN A 242 17.87 6.91 14.49
N LYS A 243 18.48 5.75 14.69
CA LYS A 243 17.91 4.73 15.55
C LYS A 243 19.07 3.84 15.98
N TRP A 244 18.90 3.19 17.13
CA TRP A 244 19.82 2.13 17.51
C TRP A 244 19.12 1.00 18.20
N ALA A 245 19.79 -0.17 18.22
CA ALA A 245 19.26 -1.33 18.91
C ALA A 245 20.47 -1.98 19.58
N SER A 246 20.31 -2.46 20.81
CA SER A 246 21.49 -2.98 21.51
C SER A 246 21.15 -4.30 22.17
N VAL A 247 22.18 -5.14 22.37
CA VAL A 247 21.98 -6.39 23.07
C VAL A 247 23.15 -6.63 24.01
N VAL A 248 22.94 -7.38 25.06
CA VAL A 248 24.02 -7.65 26.00
C VAL A 248 24.46 -9.05 25.64
N VAL A 249 25.77 -9.24 25.46
CA VAL A 249 26.19 -10.57 25.04
C VAL A 249 27.35 -11.01 25.95
N PRO A 250 27.72 -12.28 25.89
CA PRO A 250 28.86 -12.75 26.73
C PRO A 250 30.16 -12.18 26.24
N LEU A 251 31.05 -11.82 27.15
CA LEU A 251 32.38 -11.35 26.74
C LEU A 251 33.05 -12.46 25.89
N GLY A 252 33.62 -12.10 24.76
CA GLY A 252 34.28 -13.05 23.87
C GLY A 252 33.40 -13.63 22.77
N LYS A 253 32.08 -13.44 22.86
CA LYS A 253 31.15 -14.01 21.86
C LYS A 253 30.59 -12.96 20.90
N GLU A 254 31.19 -11.77 20.90
CA GLU A 254 30.72 -10.70 20.01
C GLU A 254 30.53 -11.09 18.53
N GLN A 255 31.40 -11.96 17.99
CA GLN A 255 31.31 -12.33 16.59
C GLN A 255 30.21 -13.33 16.25
N TYR A 256 29.40 -13.71 17.24
CA TYR A 256 28.32 -14.67 17.02
C TYR A 256 27.02 -13.91 16.77
N TYR A 257 27.08 -12.58 16.97
CA TYR A 257 25.87 -11.75 16.78
C TYR A 257 25.94 -10.86 15.51
N THR A 258 24.79 -10.71 14.87
N THR A 258 24.82 -10.75 14.81
CA THR A 258 24.71 -9.92 13.64
CA THR A 258 24.76 -9.89 13.61
C THR A 258 23.56 -8.92 13.69
C THR A 258 23.58 -8.92 13.68
N CYS A 259 23.84 -7.70 13.27
CA CYS A 259 22.80 -6.66 13.22
C CYS A 259 22.30 -6.60 11.81
N HIS A 260 20.98 -6.45 11.63
CA HIS A 260 20.40 -6.37 10.29
C HIS A 260 19.63 -5.05 10.24
N VAL A 261 19.86 -4.29 9.18
CA VAL A 261 19.18 -3.00 8.99
C VAL A 261 18.30 -3.01 7.72
N TYR A 262 17.04 -2.66 7.89
CA TYR A 262 16.05 -2.72 6.80
C TYR A 262 15.47 -1.34 6.55
N HIS A 263 15.63 -0.88 5.32
CA HIS A 263 15.17 0.44 4.97
C HIS A 263 14.88 0.53 3.47
N GLN A 264 13.87 1.31 3.12
CA GLN A 264 13.46 1.39 1.71
C GLN A 264 14.53 1.94 0.76
N GLY A 265 15.51 2.67 1.28
CA GLY A 265 16.57 3.20 0.44
C GLY A 265 17.63 2.18 0.08
N LEU A 266 17.61 1.00 0.72
CA LEU A 266 18.69 0.06 0.51
C LEU A 266 18.40 -0.91 -0.65
N PRO A 267 19.37 -1.16 -1.52
CA PRO A 267 19.24 -2.28 -2.49
C PRO A 267 18.97 -3.66 -1.82
N GLU A 268 19.59 -3.89 -0.68
CA GLU A 268 19.29 -5.04 0.15
C GLU A 268 19.63 -4.72 1.60
N PRO A 269 19.05 -5.47 2.54
CA PRO A 269 19.30 -5.15 3.95
C PRO A 269 20.79 -5.19 4.30
N LEU A 270 21.20 -4.37 5.26
CA LEU A 270 22.57 -4.37 5.74
C LEU A 270 22.75 -5.50 6.74
N THR A 271 23.94 -6.10 6.72
N THR A 271 23.93 -6.12 6.72
CA THR A 271 24.31 -7.07 7.73
CA THR A 271 24.29 -7.09 7.75
C THR A 271 25.62 -6.60 8.29
C THR A 271 25.64 -6.65 8.29
N LEU A 272 25.72 -6.50 9.60
CA LEU A 272 26.97 -6.07 10.18
C LEU A 272 27.25 -6.65 11.55
N ARG A 273 28.53 -6.63 11.91
CA ARG A 273 29.00 -7.14 13.21
C ARG A 273 29.95 -6.15 13.83
N TRP A 274 30.21 -6.34 15.11
CA TRP A 274 31.26 -5.57 15.76
C TRP A 274 32.58 -5.84 15.06
N GLU A 275 33.29 -4.76 14.69
CA GLU A 275 34.60 -4.83 14.05
C GLU A 275 35.68 -4.21 14.94
N PRO A 276 36.30 -5.02 15.80
CA PRO A 276 37.36 -4.46 16.65
C PRO A 276 38.49 -3.91 15.80
N PRO A 277 38.93 -2.66 16.09
CA PRO A 277 40.10 -2.03 15.45
C PRO A 277 41.31 -2.96 15.35
N PRO A 278 42.04 -2.85 14.24
CA PRO A 278 43.16 -3.74 13.93
C PRO A 278 44.17 -3.86 15.04
N ILE B 1 -7.28 15.33 30.85
CA ILE B 1 -6.40 14.17 30.50
C ILE B 1 -5.02 14.65 30.06
N GLN B 2 -3.99 14.20 30.78
CA GLN B 2 -2.63 14.67 30.51
C GLN B 2 -1.72 13.54 30.09
N LYS B 3 -0.74 13.86 29.26
CA LYS B 3 0.23 12.86 28.82
C LYS B 3 1.61 13.39 29.17
N THR B 4 2.38 12.52 29.85
CA THR B 4 3.72 12.82 30.33
C THR B 4 4.76 12.79 29.19
N PRO B 5 5.55 13.86 29.08
CA PRO B 5 6.55 13.85 27.99
C PRO B 5 7.57 12.73 28.07
N GLN B 6 7.95 12.19 26.91
CA GLN B 6 9.06 11.23 26.80
C GLN B 6 10.20 12.06 26.23
N ILE B 7 11.43 11.79 26.66
CA ILE B 7 12.54 12.66 26.32
C ILE B 7 13.74 11.86 25.88
N GLN B 8 14.37 12.29 24.79
CA GLN B 8 15.68 11.71 24.42
C GLN B 8 16.70 12.83 24.28
N VAL B 9 17.91 12.59 24.80
CA VAL B 9 19.00 13.56 24.68
C VAL B 9 20.16 12.89 23.97
N TYR B 10 20.68 13.53 22.92
CA TYR B 10 21.57 12.86 22.00
C TYR B 10 22.16 13.85 21.04
N SER B 11 23.32 13.49 20.49
CA SER B 11 24.06 14.36 19.62
C SER B 11 23.65 14.08 18.18
N ARG B 12 23.70 15.12 17.37
CA ARG B 12 23.41 14.99 15.96
C ARG B 12 24.42 14.08 15.24
N HIS B 13 25.70 14.21 15.61
CA HIS B 13 26.75 13.38 15.01
C HIS B 13 27.41 12.59 16.13
N PRO B 14 28.00 11.44 15.80
CA PRO B 14 28.73 10.69 16.82
C PRO B 14 29.68 11.63 17.56
N PRO B 15 29.68 11.57 18.87
CA PRO B 15 30.46 12.63 19.55
C PRO B 15 31.97 12.33 19.50
N GLU B 16 32.76 13.36 19.21
CA GLU B 16 34.22 13.23 19.24
C GLU B 16 34.70 14.36 20.11
N ASN B 17 35.47 14.05 21.14
CA ASN B 17 35.90 15.14 22.03
C ASN B 17 36.64 16.19 21.25
N GLY B 18 36.31 17.46 21.47
CA GLY B 18 36.98 18.57 20.83
C GLY B 18 36.40 18.96 19.49
N LYS B 19 35.43 18.19 19.01
CA LYS B 19 34.85 18.47 17.71
C LYS B 19 33.43 19.05 17.87
N PRO B 20 33.21 20.25 17.32
CA PRO B 20 31.89 20.89 17.37
C PRO B 20 30.78 19.97 16.83
N ASN B 21 29.62 20.06 17.45
CA ASN B 21 28.52 19.13 17.24
C ASN B 21 27.24 19.87 17.65
N ILE B 22 26.12 19.16 17.65
CA ILE B 22 24.82 19.70 18.10
C ILE B 22 24.21 18.70 19.08
N LEU B 23 23.71 19.19 20.20
CA LEU B 23 23.05 18.35 21.18
C LEU B 23 21.54 18.58 21.10
N ASN B 24 20.81 17.48 20.93
CA ASN B 24 19.37 17.49 20.73
C ASN B 24 18.66 17.06 21.99
N CYS B 25 17.54 17.72 22.28
CA CYS B 25 16.60 17.21 23.26
C CYS B 25 15.24 17.03 22.57
N TYR B 26 14.89 15.77 22.26
CA TYR B 26 13.64 15.48 21.52
C TYR B 26 12.57 15.11 22.52
N VAL B 27 11.48 15.86 22.51
CA VAL B 27 10.45 15.68 23.55
C VAL B 27 9.14 15.34 22.88
N THR B 28 8.56 14.19 23.25
CA THR B 28 7.41 13.67 22.52
C THR B 28 6.33 13.25 23.47
N GLN B 29 5.16 12.95 22.90
CA GLN B 29 4.06 12.27 23.62
C GLN B 29 3.47 13.07 24.77
N PHE B 30 3.46 14.40 24.67
CA PHE B 30 2.93 15.19 25.77
C PHE B 30 1.64 15.95 25.42
N HIS B 31 0.86 16.29 26.43
CA HIS B 31 -0.42 17.01 26.28
C HIS B 31 -0.77 17.42 27.71
N PRO B 32 -1.12 18.70 27.93
CA PRO B 32 -1.29 19.81 26.99
C PRO B 32 -0.02 20.31 26.28
N PRO B 33 -0.20 21.17 25.26
CA PRO B 33 0.95 21.59 24.44
C PRO B 33 1.95 22.51 25.18
N HIS B 34 1.51 23.22 26.22
CA HIS B 34 2.44 24.13 26.88
C HIS B 34 3.55 23.34 27.57
N ILE B 35 4.79 23.71 27.32
CA ILE B 35 5.91 22.96 27.93
C ILE B 35 7.09 23.90 28.00
N GLU B 36 7.96 23.67 28.98
CA GLU B 36 9.13 24.50 29.18
C GLU B 36 10.35 23.60 29.18
N ILE B 37 11.25 23.83 28.24
CA ILE B 37 12.42 22.98 28.01
C ILE B 37 13.70 23.79 28.19
N GLN B 38 14.65 23.28 28.97
CA GLN B 38 15.93 23.95 29.17
C GLN B 38 17.00 22.90 28.95
N MET B 39 18.17 23.32 28.51
CA MET B 39 19.32 22.40 28.47
C MET B 39 20.38 22.92 29.46
N LEU B 40 21.15 22.02 30.04
N LEU B 40 21.06 22.00 30.13
CA LEU B 40 22.00 22.35 31.17
CA LEU B 40 22.03 22.36 31.15
C LEU B 40 23.40 21.78 30.97
C LEU B 40 23.42 21.89 30.73
N LYS B 41 24.42 22.61 31.18
CA LYS B 41 25.78 22.17 31.04
C LYS B 41 26.42 22.24 32.42
N ASN B 42 26.85 21.09 32.94
CA ASN B 42 27.47 21.08 34.27
C ASN B 42 26.60 21.75 35.30
N GLY B 43 25.29 21.52 35.19
CA GLY B 43 24.33 21.98 36.19
C GLY B 43 23.80 23.39 35.97
N LYS B 44 24.32 24.08 34.97
CA LYS B 44 23.89 25.46 34.72
C LYS B 44 23.20 25.63 33.36
N LYS B 45 22.10 26.37 33.35
CA LYS B 45 21.34 26.59 32.13
C LYS B 45 22.17 27.14 30.98
N ILE B 46 22.01 26.54 29.82
CA ILE B 46 22.62 27.00 28.57
C ILE B 46 21.73 28.13 27.98
N PRO B 47 22.29 29.33 27.73
CA PRO B 47 21.35 30.39 27.29
C PRO B 47 20.80 30.23 25.85
N LYS B 48 21.63 29.78 24.90
CA LYS B 48 21.19 29.69 23.52
C LYS B 48 20.66 28.30 23.15
N VAL B 49 19.38 28.04 23.43
CA VAL B 49 18.79 26.79 22.96
C VAL B 49 17.74 27.09 21.91
N GLU B 50 17.86 26.46 20.73
CA GLU B 50 16.85 26.66 19.69
C GLU B 50 15.74 25.63 19.83
N MET B 51 14.54 26.03 19.40
CA MET B 51 13.33 25.22 19.50
C MET B 51 12.75 25.06 18.08
N SER B 52 12.48 23.84 17.64
CA SER B 52 11.81 23.63 16.37
C SER B 52 10.37 24.06 16.53
N ASP B 53 9.62 24.13 15.43
CA ASP B 53 8.18 24.33 15.61
C ASP B 53 7.64 23.08 16.28
N MET B 54 6.52 23.26 16.95
CA MET B 54 5.87 22.14 17.61
C MET B 54 4.92 21.50 16.62
N SER B 55 4.79 20.19 16.72
CA SER B 55 3.79 19.47 15.90
C SER B 55 3.00 18.51 16.78
N PHE B 56 2.00 17.83 16.20
CA PHE B 56 1.34 16.77 16.96
C PHE B 56 1.08 15.58 16.08
N SER B 57 0.87 14.43 16.71
CA SER B 57 0.74 13.15 15.98
C SER B 57 -0.72 12.69 15.94
N LYS B 58 -1.01 11.61 15.20
CA LYS B 58 -2.38 11.12 15.10
C LYS B 58 -3.04 10.81 16.42
N ASP B 59 -2.25 10.52 17.46
CA ASP B 59 -2.83 10.22 18.76
C ASP B 59 -3.04 11.49 19.60
N TRP B 60 -2.91 12.66 18.95
CA TRP B 60 -3.13 14.00 19.54
C TRP B 60 -1.94 14.53 20.30
N SER B 61 -0.94 13.69 20.59
CA SER B 61 0.16 14.16 21.43
C SER B 61 1.15 15.06 20.68
N PHE B 62 1.76 15.98 21.39
CA PHE B 62 2.68 16.92 20.81
C PHE B 62 4.15 16.48 20.82
N TYR B 63 4.94 17.03 19.91
CA TYR B 63 6.35 16.79 19.91
C TYR B 63 7.14 18.02 19.44
N ILE B 64 8.38 18.09 19.88
CA ILE B 64 9.20 19.26 19.58
C ILE B 64 10.66 18.90 19.77
N LEU B 65 11.54 19.57 19.04
CA LEU B 65 12.97 19.29 19.16
C LEU B 65 13.70 20.55 19.60
N ALA B 66 14.40 20.43 20.72
CA ALA B 66 15.30 21.52 21.20
C ALA B 66 16.72 21.14 20.88
N HIS B 67 17.56 22.13 20.60
CA HIS B 67 18.99 21.82 20.31
C HIS B 67 19.89 23.00 20.65
N THR B 68 21.17 22.70 20.84
CA THR B 68 22.16 23.73 21.14
C THR B 68 23.49 23.28 20.50
N GLU B 69 24.33 24.23 20.11
CA GLU B 69 25.65 23.89 19.60
C GLU B 69 26.52 23.50 20.81
N PHE B 70 27.34 22.48 20.69
CA PHE B 70 28.26 22.15 21.80
C PHE B 70 29.48 21.47 21.25
N THR B 71 30.58 21.52 22.02
CA THR B 71 31.76 20.77 21.66
C THR B 71 32.03 19.83 22.83
N PRO B 72 31.74 18.54 22.66
CA PRO B 72 31.90 17.64 23.80
C PRO B 72 33.34 17.49 24.22
N THR B 73 33.51 17.18 25.50
CA THR B 73 34.84 16.88 26.03
C THR B 73 34.65 15.67 26.90
N GLU B 74 35.74 15.13 27.42
CA GLU B 74 35.65 13.92 28.21
C GLU B 74 34.79 14.11 29.47
N THR B 75 34.85 15.31 30.06
CA THR B 75 34.31 15.50 31.39
C THR B 75 33.04 16.37 31.56
N ASP B 76 32.67 17.14 30.56
CA ASP B 76 31.49 17.98 30.69
C ASP B 76 30.19 17.14 30.67
N THR B 77 29.24 17.53 31.50
CA THR B 77 27.96 16.82 31.64
C THR B 77 26.89 17.72 31.06
N TYR B 78 26.03 17.14 30.23
CA TYR B 78 24.88 17.86 29.66
C TYR B 78 23.56 17.18 30.02
N ALA B 79 22.50 17.98 30.12
CA ALA B 79 21.18 17.44 30.46
C ALA B 79 20.11 18.26 29.80
N CYS B 80 18.91 17.71 29.76
CA CYS B 80 17.74 18.46 29.27
C CYS B 80 16.72 18.34 30.39
N ARG B 81 16.03 19.43 30.68
CA ARG B 81 15.12 19.51 31.82
C ARG B 81 13.78 20.05 31.33
N VAL B 82 12.72 19.34 31.67
CA VAL B 82 11.44 19.62 31.05
C VAL B 82 10.44 19.82 32.15
N LYS B 83 9.74 20.96 32.11
CA LYS B 83 8.67 21.20 33.05
C LYS B 83 7.36 21.13 32.26
N HIS B 84 6.42 20.35 32.75
CA HIS B 84 5.15 20.15 32.02
C HIS B 84 4.07 19.86 33.06
N ASP B 85 2.84 20.29 32.84
CA ASP B 85 1.77 20.09 33.82
C ASP B 85 1.47 18.64 34.20
N SER B 86 1.83 17.66 33.37
CA SER B 86 1.60 16.25 33.70
C SER B 86 2.49 15.72 34.82
N MET B 87 3.48 16.49 35.23
CA MET B 87 4.45 16.04 36.22
C MET B 87 4.50 17.05 37.37
N ALA B 88 4.54 16.56 38.60
CA ALA B 88 4.70 17.42 39.79
C ALA B 88 5.98 18.27 39.77
N GLU B 89 7.08 17.72 39.27
CA GLU B 89 8.36 18.45 39.25
C GLU B 89 9.02 18.32 37.87
N PRO B 90 9.92 19.24 37.52
CA PRO B 90 10.64 19.13 36.24
C PRO B 90 11.40 17.81 36.16
N LYS B 91 11.45 17.22 34.96
CA LYS B 91 12.16 15.98 34.75
C LYS B 91 13.51 16.28 34.11
N THR B 92 14.61 15.75 34.66
CA THR B 92 15.91 15.96 34.06
C THR B 92 16.43 14.63 33.45
N VAL B 93 16.89 14.71 32.20
CA VAL B 93 17.49 13.58 31.51
C VAL B 93 18.88 13.94 31.07
N TYR B 94 19.86 13.16 31.51
CA TYR B 94 21.25 13.40 31.17
C TYR B 94 21.69 12.77 29.87
N TRP B 95 22.58 13.45 29.15
CA TRP B 95 23.12 12.94 27.92
C TRP B 95 24.03 11.77 28.24
N ASP B 96 23.79 10.63 27.60
CA ASP B 96 24.74 9.51 27.69
C ASP B 96 25.40 9.41 26.34
N ARG B 97 26.69 9.70 26.26
CA ARG B 97 27.32 9.76 24.97
C ARG B 97 27.38 8.42 24.22
N ASP B 98 27.05 7.32 24.88
CA ASP B 98 26.99 6.01 24.19
C ASP B 98 25.60 5.68 23.69
N MET B 99 24.68 6.60 23.91
CA MET B 99 23.33 6.41 23.42
C MET B 99 22.85 7.52 22.47
N GLY C 1 7.41 0.77 -3.23
CA GLY C 1 6.31 0.16 -2.42
C GLY C 1 6.58 -1.33 -2.24
N PRO C 2 5.53 -2.12 -1.94
CA PRO C 2 5.70 -3.56 -1.69
C PRO C 2 5.83 -4.39 -2.97
N HIS C 3 6.33 -5.62 -2.84
CA HIS C 3 6.55 -6.52 -3.97
C HIS C 3 6.18 -7.93 -3.54
N SER C 4 6.01 -8.84 -4.50
CA SER C 4 5.59 -10.18 -4.13
C SER C 4 6.18 -11.14 -5.15
N LEU C 5 6.48 -12.35 -4.68
CA LEU C 5 6.82 -13.45 -5.56
C LEU C 5 5.81 -14.58 -5.23
N ARG C 6 5.06 -15.06 -6.22
CA ARG C 6 4.05 -16.09 -5.96
C ARG C 6 4.14 -17.18 -7.04
N TYR C 7 3.95 -18.42 -6.63
CA TYR C 7 3.85 -19.52 -7.58
C TYR C 7 2.45 -20.08 -7.55
N PHE C 8 1.85 -20.20 -8.74
CA PHE C 8 0.53 -20.75 -8.93
C PHE C 8 0.70 -22.12 -9.59
N VAL C 9 0.29 -23.16 -8.90
CA VAL C 9 0.58 -24.50 -9.33
C VAL C 9 -0.73 -25.23 -9.58
N THR C 10 -0.76 -26.07 -10.61
CA THR C 10 -1.97 -26.83 -10.91
C THR C 10 -1.58 -28.29 -11.21
N ALA C 11 -2.30 -29.25 -10.64
CA ALA C 11 -2.12 -30.65 -11.06
C ALA C 11 -3.50 -31.21 -11.34
N VAL C 12 -3.69 -31.75 -12.54
CA VAL C 12 -5.01 -32.19 -12.97
C VAL C 12 -4.95 -33.62 -13.50
N SER C 13 -5.63 -34.54 -12.82
CA SER C 13 -5.62 -35.92 -13.29
C SER C 13 -6.52 -36.08 -14.52
N ARG C 14 -6.20 -37.07 -15.34
CA ARG C 14 -6.93 -37.32 -16.57
C ARG C 14 -7.02 -38.83 -16.75
N PRO C 15 -7.73 -39.52 -15.84
CA PRO C 15 -7.69 -41.00 -15.88
C PRO C 15 -8.06 -41.58 -17.24
N GLY C 16 -7.31 -42.59 -17.65
CA GLY C 16 -7.51 -43.21 -18.93
C GLY C 16 -6.89 -42.43 -20.07
N LEU C 17 -6.57 -41.15 -19.87
CA LEU C 17 -6.14 -40.34 -21.01
C LEU C 17 -4.66 -39.99 -20.99
N GLY C 18 -4.00 -40.22 -19.87
CA GLY C 18 -2.58 -39.93 -19.78
C GLY C 18 -2.22 -39.54 -18.37
N GLU C 19 -0.99 -39.07 -18.17
CA GLU C 19 -0.52 -38.69 -16.83
C GLU C 19 -1.15 -37.37 -16.45
N PRO C 20 -1.21 -37.07 -15.15
CA PRO C 20 -1.73 -35.75 -14.75
C PRO C 20 -0.98 -34.61 -15.45
N ARG C 21 -1.69 -33.53 -15.76
CA ARG C 21 -1.01 -32.35 -16.31
C ARG C 21 -0.58 -31.47 -15.15
N TYR C 22 0.67 -31.04 -15.14
CA TYR C 22 1.18 -30.23 -14.00
C TYR C 22 1.72 -28.94 -14.58
N MET C 23 1.41 -27.83 -13.91
CA MET C 23 1.89 -26.52 -14.35
CA MET C 23 1.84 -26.50 -14.35
C MET C 23 2.41 -25.79 -13.14
N GLU C 24 3.57 -25.13 -13.30
CA GLU C 24 4.05 -24.28 -12.27
C GLU C 24 4.27 -22.91 -12.92
N VAL C 25 3.67 -21.86 -12.35
CA VAL C 25 3.70 -20.54 -12.97
C VAL C 25 4.14 -19.53 -11.92
N GLY C 26 5.14 -18.72 -12.28
CA GLY C 26 5.65 -17.75 -11.33
C GLY C 26 5.30 -16.32 -11.67
N TYR C 27 5.10 -15.50 -10.63
CA TYR C 27 4.70 -14.10 -10.81
C TYR C 27 5.54 -13.24 -9.90
N VAL C 28 6.06 -12.14 -10.46
CA VAL C 28 6.68 -11.12 -9.63
C VAL C 28 5.74 -9.93 -9.76
N ASP C 29 5.32 -9.42 -8.59
CA ASP C 29 4.35 -8.38 -8.54
C ASP C 29 3.21 -8.69 -9.51
N ASP C 30 2.66 -9.90 -9.44
CA ASP C 30 1.52 -10.25 -10.27
C ASP C 30 1.71 -10.29 -11.81
N THR C 31 2.97 -10.24 -12.24
N THR C 31 2.97 -10.24 -12.24
CA THR C 31 3.30 -10.39 -13.65
CA THR C 31 3.32 -10.39 -13.65
C THR C 31 3.99 -11.74 -13.85
C THR C 31 3.99 -11.75 -13.85
N GLU C 32 3.48 -12.54 -14.80
CA GLU C 32 4.05 -13.87 -15.04
C GLU C 32 5.47 -13.72 -15.53
N PHE C 33 6.41 -14.49 -14.97
CA PHE C 33 7.83 -14.37 -15.42
C PHE C 33 8.53 -15.69 -15.72
N VAL C 34 7.92 -16.81 -15.26
CA VAL C 34 8.38 -18.17 -15.58
C VAL C 34 7.21 -19.13 -15.65
N ARG C 35 7.36 -20.18 -16.44
CA ARG C 35 6.33 -21.20 -16.49
C ARG C 35 6.95 -22.56 -16.82
N PHE C 36 6.42 -23.61 -16.18
CA PHE C 36 6.75 -25.00 -16.51
C PHE C 36 5.42 -25.66 -16.80
N ASP C 37 5.37 -26.43 -17.89
CA ASP C 37 4.16 -27.12 -18.26
C ASP C 37 4.52 -28.57 -18.66
N SER C 38 3.99 -29.53 -17.90
CA SER C 38 4.46 -30.93 -17.96
C SER C 38 4.01 -31.53 -19.27
N ASP C 39 3.13 -30.84 -19.98
CA ASP C 39 2.54 -31.51 -21.14
C ASP C 39 3.48 -31.59 -22.37
N ALA C 40 4.64 -32.28 -22.20
CA ALA C 40 5.72 -32.37 -23.24
C ALA C 40 6.68 -33.56 -23.03
N GLU C 41 7.44 -33.92 -24.08
CA GLU C 41 8.37 -35.06 -24.02
C GLU C 41 9.60 -34.83 -23.13
N ASN C 42 10.13 -33.62 -23.17
CA ASN C 42 11.24 -33.24 -22.30
C ASN C 42 10.93 -31.82 -21.76
N PRO C 43 9.92 -31.70 -20.87
CA PRO C 43 9.34 -30.42 -20.43
C PRO C 43 10.35 -29.64 -19.62
N ARG C 44 10.36 -28.32 -19.76
N ARG C 44 10.26 -28.33 -19.64
CA ARG C 44 11.39 -27.47 -19.11
CA ARG C 44 11.26 -27.51 -18.96
C ARG C 44 10.82 -26.13 -18.61
C ARG C 44 10.74 -26.14 -18.54
N TYR C 45 11.40 -25.54 -17.57
CA TYR C 45 11.09 -24.17 -17.20
C TYR C 45 11.41 -23.25 -18.37
N GLU C 46 10.52 -22.30 -18.65
CA GLU C 46 10.75 -21.28 -19.68
C GLU C 46 10.63 -19.87 -19.11
N PRO C 47 11.45 -18.95 -19.61
CA PRO C 47 11.23 -17.57 -19.16
C PRO C 47 9.92 -17.05 -19.80
N ARG C 48 9.23 -16.14 -19.13
CA ARG C 48 7.98 -15.59 -19.65
C ARG C 48 8.13 -14.08 -19.71
N ALA C 49 9.30 -13.60 -19.30
CA ALA C 49 9.66 -12.20 -19.48
C ALA C 49 11.10 -12.14 -19.97
N ARG C 50 11.39 -11.22 -20.89
CA ARG C 50 12.71 -11.13 -21.53
C ARG C 50 13.84 -10.92 -20.55
N TRP C 51 13.54 -10.21 -19.47
CA TRP C 51 14.56 -9.99 -18.45
C TRP C 51 15.02 -11.24 -17.69
N MET C 52 14.26 -12.33 -17.81
CA MET C 52 14.70 -13.61 -17.24
C MET C 52 15.75 -14.33 -18.09
N GLU C 53 15.88 -13.92 -19.35
CA GLU C 53 16.76 -14.64 -20.28
C GLU C 53 18.21 -14.64 -19.81
N GLN C 54 18.57 -13.70 -18.97
CA GLN C 54 19.94 -13.63 -18.48
C GLN C 54 20.30 -14.65 -17.41
N GLU C 55 19.32 -15.26 -16.75
CA GLU C 55 19.67 -16.38 -15.87
C GLU C 55 20.36 -17.46 -16.71
N GLY C 56 21.42 -18.04 -16.17
CA GLY C 56 22.21 -18.98 -16.94
C GLY C 56 21.61 -20.35 -16.86
N PRO C 57 22.21 -21.29 -17.57
CA PRO C 57 21.71 -22.65 -17.67
C PRO C 57 21.60 -23.41 -16.37
N GLU C 58 22.47 -23.18 -15.39
CA GLU C 58 22.32 -23.93 -14.16
C GLU C 58 21.01 -23.58 -13.47
N TYR C 59 20.59 -22.33 -13.60
CA TYR C 59 19.32 -21.87 -13.02
C TYR C 59 18.16 -22.65 -13.64
N TRP C 60 18.07 -22.58 -14.96
CA TRP C 60 17.04 -23.30 -15.71
C TRP C 60 17.03 -24.80 -15.40
N GLU C 61 18.20 -25.45 -15.35
CA GLU C 61 18.26 -26.87 -15.11
C GLU C 61 17.70 -27.18 -13.72
N ARG C 62 18.09 -26.38 -12.74
CA ARG C 62 17.71 -26.60 -11.39
C ARG C 62 16.19 -26.47 -11.21
N GLU C 63 15.64 -25.38 -11.76
CA GLU C 63 14.21 -25.13 -11.65
C GLU C 63 13.43 -26.24 -12.34
N THR C 64 13.95 -26.69 -13.48
CA THR C 64 13.27 -27.73 -14.25
C THR C 64 13.24 -29.03 -13.47
N GLN C 65 14.38 -29.46 -12.96
CA GLN C 65 14.39 -30.73 -12.20
C GLN C 65 13.51 -30.69 -10.95
N LYS C 66 13.54 -29.57 -10.24
CA LYS C 66 12.68 -29.37 -9.10
C LYS C 66 11.19 -29.36 -9.45
N ALA C 67 10.82 -28.75 -10.57
CA ALA C 67 9.42 -28.82 -11.01
C ALA C 67 9.03 -30.25 -11.34
N LYS C 68 9.92 -30.97 -12.01
CA LYS C 68 9.64 -32.38 -12.32
C LYS C 68 9.41 -33.15 -11.04
N GLY C 69 10.21 -32.86 -10.00
CA GLY C 69 10.01 -33.58 -8.72
C GLY C 69 8.67 -33.17 -8.08
N ASN C 70 8.41 -31.85 -8.04
CA ASN C 70 7.05 -31.36 -7.63
C ASN C 70 5.90 -32.05 -8.37
N GLU C 71 5.99 -32.08 -9.69
CA GLU C 71 5.02 -32.84 -10.53
C GLU C 71 4.78 -34.26 -10.02
N GLN C 72 5.87 -35.00 -9.84
CA GLN C 72 5.72 -36.35 -9.34
C GLN C 72 5.12 -36.44 -7.93
N SER C 73 5.41 -35.50 -7.03
CA SER C 73 4.73 -35.44 -5.75
C SER C 73 3.23 -35.23 -5.91
N PHE C 74 2.84 -34.32 -6.80
CA PHE C 74 1.40 -34.05 -6.98
C PHE C 74 0.71 -35.26 -7.61
N ARG C 75 1.42 -36.00 -8.47
CA ARG C 75 0.85 -37.22 -9.02
C ARG C 75 0.44 -38.14 -7.86
N VAL C 76 1.33 -38.30 -6.90
CA VAL C 76 1.05 -39.13 -5.73
C VAL C 76 -0.13 -38.55 -4.90
N ASP C 77 -0.10 -37.24 -4.66
CA ASP C 77 -1.16 -36.56 -3.89
C ASP C 77 -2.54 -36.73 -4.51
N LEU C 78 -2.63 -36.71 -5.85
CA LEU C 78 -3.94 -36.89 -6.47
C LEU C 78 -4.47 -38.28 -6.02
N ARG C 79 -3.61 -39.30 -6.02
CA ARG C 79 -4.01 -40.64 -5.58
C ARG C 79 -4.36 -40.63 -4.09
N THR C 80 -3.57 -39.95 -3.28
CA THR C 80 -3.85 -39.85 -1.86
C THR C 80 -5.25 -39.28 -1.58
N LEU C 81 -5.59 -38.21 -2.30
CA LEU C 81 -6.88 -37.52 -2.07
C LEU C 81 -8.08 -38.38 -2.48
N LEU C 82 -7.95 -39.20 -3.53
CA LEU C 82 -8.97 -40.22 -3.82
C LEU C 82 -9.28 -41.06 -2.57
N GLY C 83 -8.24 -41.48 -1.86
CA GLY C 83 -8.40 -42.25 -0.65
C GLY C 83 -9.03 -41.43 0.45
N TYR C 84 -8.55 -40.22 0.69
CA TYR C 84 -9.12 -39.39 1.76
C TYR C 84 -10.63 -39.16 1.57
N TYR C 85 -11.03 -38.89 0.34
CA TYR C 85 -12.43 -38.55 0.05
C TYR C 85 -13.27 -39.77 -0.39
N ASN C 86 -12.66 -40.94 -0.44
CA ASN C 86 -13.34 -42.15 -0.92
C ASN C 86 -13.92 -41.96 -2.33
N GLN C 87 -13.07 -41.49 -3.25
CA GLN C 87 -13.51 -41.22 -4.60
C GLN C 87 -12.99 -42.25 -5.60
N SER C 88 -13.72 -42.39 -6.69
CA SER C 88 -13.44 -43.35 -7.76
C SER C 88 -12.15 -43.01 -8.50
N LYS C 89 -11.46 -44.03 -9.01
CA LYS C 89 -10.24 -43.82 -9.80
C LYS C 89 -10.53 -43.28 -11.20
N GLY C 90 -11.81 -43.19 -11.56
CA GLY C 90 -12.20 -42.83 -12.91
C GLY C 90 -12.36 -41.33 -13.25
N GLY C 91 -12.60 -40.49 -12.25
CA GLY C 91 -12.81 -39.05 -12.55
C GLY C 91 -11.58 -38.15 -12.54
N SER C 92 -11.69 -37.00 -13.20
CA SER C 92 -10.61 -35.99 -13.18
C SER C 92 -10.74 -35.13 -11.92
N HIS C 93 -9.61 -34.86 -11.24
CA HIS C 93 -9.65 -33.90 -10.10
C HIS C 93 -8.48 -32.92 -10.24
N THR C 94 -8.53 -31.80 -9.51
CA THR C 94 -7.55 -30.74 -9.68
C THR C 94 -7.05 -30.38 -8.32
N ILE C 95 -5.73 -30.33 -8.16
CA ILE C 95 -5.16 -29.69 -6.98
C ILE C 95 -4.55 -28.36 -7.46
N GLN C 96 -4.75 -27.31 -6.67
CA GLN C 96 -4.10 -26.05 -6.94
C GLN C 96 -3.41 -25.53 -5.70
N VAL C 97 -2.29 -24.85 -5.91
CA VAL C 97 -1.63 -24.19 -4.79
C VAL C 97 -1.22 -22.81 -5.21
N ILE C 98 -1.36 -21.86 -4.28
CA ILE C 98 -0.69 -20.57 -4.40
C ILE C 98 0.29 -20.46 -3.22
N SER C 99 1.55 -20.17 -3.54
CA SER C 99 2.66 -20.25 -2.58
C SER C 99 3.50 -18.96 -2.81
N GLY C 100 3.80 -18.18 -1.77
CA GLY C 100 4.69 -17.05 -2.04
C GLY C 100 4.92 -16.09 -0.89
N CYS C 101 5.56 -14.99 -1.22
CA CYS C 101 5.94 -14.01 -0.20
C CYS C 101 5.59 -12.62 -0.63
N GLU C 102 5.12 -11.83 0.32
CA GLU C 102 4.90 -10.42 0.07
C GLU C 102 5.90 -9.67 0.94
N VAL C 103 6.71 -8.80 0.34
CA VAL C 103 7.73 -8.05 1.10
C VAL C 103 7.47 -6.54 1.04
N GLY C 104 7.77 -5.84 2.13
CA GLY C 104 7.52 -4.39 2.20
C GLY C 104 8.63 -3.65 1.47
N SER C 105 8.48 -2.33 1.35
CA SER C 105 9.54 -1.54 0.70
C SER C 105 10.86 -1.60 1.47
N ASP C 106 10.77 -1.95 2.74
CA ASP C 106 12.00 -2.04 3.54
C ASP C 106 12.69 -3.38 3.38
N GLY C 107 12.16 -4.24 2.50
CA GLY C 107 12.69 -5.62 2.36
C GLY C 107 12.27 -6.65 3.41
N ARG C 108 11.48 -6.26 4.40
CA ARG C 108 10.99 -7.22 5.39
C ARG C 108 9.85 -8.07 4.84
N LEU C 109 9.72 -9.31 5.28
CA LEU C 109 8.56 -10.10 4.93
C LEU C 109 7.31 -9.50 5.57
N LEU C 110 6.29 -9.20 4.76
CA LEU C 110 5.01 -8.79 5.31
C LEU C 110 4.05 -9.99 5.54
N ARG C 111 4.03 -10.94 4.60
CA ARG C 111 3.12 -12.10 4.68
C ARG C 111 3.74 -13.22 3.88
N GLY C 112 3.83 -14.41 4.48
CA GLY C 112 4.25 -15.58 3.76
C GLY C 112 3.01 -16.44 3.74
N TYR C 113 2.75 -17.14 2.65
CA TYR C 113 1.55 -17.94 2.64
C TYR C 113 1.62 -19.10 1.65
N GLN C 114 0.72 -20.05 1.85
CA GLN C 114 0.63 -21.23 1.06
C GLN C 114 -0.79 -21.72 1.21
N GLN C 115 -1.53 -21.73 0.11
CA GLN C 115 -2.95 -22.06 0.13
C GLN C 115 -3.16 -23.20 -0.86
N TYR C 116 -3.83 -24.25 -0.42
CA TYR C 116 -4.15 -25.38 -1.32
C TYR C 116 -5.67 -25.37 -1.57
N ALA C 117 -6.06 -25.80 -2.76
CA ALA C 117 -7.45 -26.11 -3.10
C ALA C 117 -7.55 -27.49 -3.76
N TYR C 118 -8.67 -28.19 -3.54
CA TYR C 118 -8.94 -29.44 -4.23
C TYR C 118 -10.28 -29.32 -4.91
N ASP C 119 -10.32 -29.58 -6.21
CA ASP C 119 -11.55 -29.41 -6.98
C ASP C 119 -12.24 -28.04 -6.78
N GLY C 120 -11.43 -26.99 -6.72
CA GLY C 120 -11.93 -25.61 -6.67
C GLY C 120 -12.33 -25.14 -5.28
N CYS C 121 -12.17 -25.97 -4.26
CA CYS C 121 -12.50 -25.58 -2.87
C CYS C 121 -11.30 -25.55 -1.99
N ASP C 122 -11.26 -24.56 -1.12
CA ASP C 122 -10.20 -24.42 -0.15
C ASP C 122 -9.94 -25.74 0.57
N TYR C 123 -8.67 -26.09 0.75
CA TYR C 123 -8.35 -27.37 1.38
C TYR C 123 -7.52 -27.14 2.65
N ILE C 124 -6.35 -26.50 2.52
CA ILE C 124 -5.55 -26.16 3.70
C ILE C 124 -4.77 -24.88 3.44
N ALA C 125 -4.52 -24.11 4.48
CA ALA C 125 -3.75 -22.89 4.34
C ALA C 125 -2.76 -22.76 5.50
N LEU C 126 -1.61 -22.16 5.22
CA LEU C 126 -0.65 -21.83 6.28
C LEU C 126 -1.10 -20.55 6.99
N ASN C 127 -1.22 -20.60 8.30
CA ASN C 127 -1.57 -19.41 9.09
C ASN C 127 -0.48 -18.33 9.10
N GLU C 128 -0.89 -17.09 9.34
CA GLU C 128 0.02 -15.93 9.35
C GLU C 128 1.22 -16.07 10.25
N ASP C 129 1.06 -16.88 11.29
CA ASP C 129 2.11 -17.13 12.25
C ASP C 129 3.27 -17.92 11.64
N LEU C 130 3.03 -18.55 10.48
CA LEU C 130 4.01 -19.44 9.83
C LEU C 130 4.37 -20.67 10.64
N LYS C 131 3.54 -21.04 11.61
CA LYS C 131 3.85 -22.15 12.50
C LYS C 131 2.80 -23.23 12.39
N THR C 132 1.59 -22.80 12.05
CA THR C 132 0.48 -23.70 12.03
C THR C 132 -0.43 -23.55 10.79
N TRP C 133 -1.26 -24.57 10.57
CA TRP C 133 -2.14 -24.69 9.44
C TRP C 133 -3.62 -24.61 9.80
N THR C 134 -4.44 -24.05 8.92
CA THR C 134 -5.90 -24.17 9.04
C THR C 134 -6.47 -25.14 7.99
N ALA C 135 -7.07 -26.24 8.45
CA ALA C 135 -7.71 -27.20 7.56
C ALA C 135 -9.09 -26.67 7.20
N ALA C 136 -9.44 -26.71 5.91
CA ALA C 136 -10.77 -26.21 5.53
C ALA C 136 -11.87 -27.26 5.64
N ASP C 137 -11.51 -28.54 5.60
CA ASP C 137 -12.49 -29.62 5.77
C ASP C 137 -11.86 -30.76 6.59
N MET C 138 -12.59 -31.87 6.73
CA MET C 138 -12.15 -33.01 7.53
C MET C 138 -10.96 -33.74 6.94
N ALA C 139 -10.94 -33.91 5.63
CA ALA C 139 -9.84 -34.62 4.97
C ALA C 139 -8.54 -33.86 5.20
N ALA C 140 -8.61 -32.54 5.12
CA ALA C 140 -7.41 -31.72 5.27
C ALA C 140 -6.81 -31.79 6.70
N LEU C 141 -7.62 -32.24 7.67
CA LEU C 141 -7.04 -32.52 8.98
C LEU C 141 -5.99 -33.61 8.93
N ILE C 142 -6.10 -34.55 7.99
CA ILE C 142 -5.12 -35.61 7.89
C ILE C 142 -3.79 -35.02 7.45
N THR C 143 -3.87 -34.13 6.47
CA THR C 143 -2.68 -33.41 6.00
C THR C 143 -2.09 -32.50 7.07
N LYS C 144 -2.95 -31.77 7.76
CA LYS C 144 -2.51 -30.90 8.82
C LYS C 144 -1.72 -31.72 9.85
N HIS C 145 -2.31 -32.83 10.26
N HIS C 145 -2.30 -32.84 10.28
CA HIS C 145 -1.63 -33.64 11.27
CA HIS C 145 -1.63 -33.76 11.22
C HIS C 145 -0.31 -34.33 10.71
C HIS C 145 -0.28 -34.26 10.68
N LYS C 146 -0.29 -34.72 9.44
CA LYS C 146 0.93 -35.22 8.81
C LYS C 146 2.04 -34.16 8.76
N TRP C 147 1.67 -32.94 8.39
CA TRP C 147 2.64 -31.89 8.21
C TRP C 147 3.20 -31.42 9.52
N GLU C 148 2.39 -31.49 10.58
CA GLU C 148 2.87 -31.17 11.93
C GLU C 148 3.88 -32.19 12.44
N GLN C 149 3.67 -33.47 12.13
CA GLN C 149 4.58 -34.54 12.58
C GLN C 149 5.87 -34.59 11.79
N ALA C 150 5.91 -33.91 10.65
CA ALA C 150 7.07 -33.97 9.77
C ALA C 150 7.93 -32.73 9.86
N GLY C 151 7.55 -31.77 10.70
CA GLY C 151 8.30 -30.53 10.83
C GLY C 151 8.19 -29.69 9.57
N GLU C 152 7.08 -29.84 8.86
CA GLU C 152 6.94 -29.16 7.57
C GLU C 152 6.85 -27.62 7.70
N ALA C 153 6.29 -27.14 8.78
CA ALA C 153 6.16 -25.69 9.01
C ALA C 153 7.49 -24.94 9.10
N GLU C 154 8.47 -25.54 9.78
CA GLU C 154 9.77 -24.90 9.88
C GLU C 154 10.44 -24.86 8.52
N ARG C 155 10.31 -25.95 7.74
CA ARG C 155 10.89 -26.06 6.41
C ARG C 155 10.26 -25.00 5.51
N LEU C 156 8.95 -24.89 5.60
CA LEU C 156 8.23 -23.87 4.82
C LEU C 156 8.58 -22.46 5.26
N ARG C 157 8.64 -22.20 6.56
CA ARG C 157 8.99 -20.87 7.02
C ARG C 157 10.39 -20.44 6.59
N ALA C 158 11.34 -21.39 6.60
CA ALA C 158 12.69 -21.10 6.14
C ALA C 158 12.69 -20.72 4.64
N TYR C 159 11.85 -21.38 3.86
CA TYR C 159 11.68 -21.06 2.45
C TYR C 159 11.13 -19.62 2.30
N LEU C 160 10.09 -19.30 3.05
CA LEU C 160 9.34 -18.04 2.86
C LEU C 160 10.15 -16.84 3.32
N GLU C 161 10.81 -17.00 4.47
CA GLU C 161 11.70 -15.95 5.01
C GLU C 161 13.04 -15.86 4.27
N GLY C 162 13.49 -16.97 3.67
CA GLY C 162 14.83 -17.09 3.09
C GLY C 162 14.76 -17.08 1.57
N THR C 163 14.75 -18.26 0.96
CA THR C 163 14.72 -18.37 -0.48
C THR C 163 13.76 -17.37 -1.15
N CYS C 164 12.53 -17.29 -0.67
CA CYS C 164 11.51 -16.56 -1.43
C CYS C 164 11.86 -15.09 -1.44
N VAL C 165 12.24 -14.56 -0.27
CA VAL C 165 12.61 -13.17 -0.16
C VAL C 165 13.85 -12.83 -1.00
N GLU C 166 14.85 -13.69 -0.86
CA GLU C 166 16.11 -13.46 -1.57
C GLU C 166 16.02 -13.56 -3.09
N TRP C 167 15.27 -14.54 -3.60
CA TRP C 167 15.12 -14.63 -5.05
C TRP C 167 14.23 -13.52 -5.58
N LEU C 168 13.20 -13.15 -4.81
CA LEU C 168 12.41 -11.95 -5.17
C LEU C 168 13.34 -10.75 -5.40
N ARG C 169 14.26 -10.47 -4.49
CA ARG C 169 15.18 -9.33 -4.64
C ARG C 169 16.02 -9.43 -5.92
N ARG C 170 16.52 -10.62 -6.21
CA ARG C 170 17.21 -10.87 -7.47
C ARG C 170 16.32 -10.61 -8.69
N TYR C 171 15.10 -11.14 -8.72
CA TYR C 171 14.26 -10.96 -9.90
C TYR C 171 13.90 -9.47 -10.10
N LEU C 172 13.64 -8.75 -9.02
CA LEU C 172 13.30 -7.31 -9.14
C LEU C 172 14.46 -6.49 -9.70
N LYS C 173 15.64 -6.78 -9.23
CA LYS C 173 16.89 -6.18 -9.71
C LYS C 173 16.96 -6.30 -11.23
N ASN C 174 16.60 -7.46 -11.76
CA ASN C 174 16.70 -7.69 -13.19
C ASN C 174 15.47 -7.20 -13.95
N GLY C 175 14.31 -7.28 -13.31
CA GLY C 175 13.08 -6.98 -14.07
C GLY C 175 12.47 -5.64 -13.79
N ASN C 176 12.99 -4.95 -12.77
CA ASN C 176 12.35 -3.71 -12.27
C ASN C 176 12.04 -2.68 -13.36
N ALA C 177 13.03 -2.38 -14.19
CA ALA C 177 12.83 -1.43 -15.28
C ALA C 177 11.64 -1.83 -16.16
N THR C 178 11.58 -3.11 -16.51
CA THR C 178 10.45 -3.60 -17.30
C THR C 178 9.15 -3.60 -16.49
N LEU C 179 9.22 -4.05 -15.23
CA LEU C 179 8.04 -4.09 -14.35
C LEU C 179 7.37 -2.73 -14.09
N LEU C 180 8.12 -1.64 -14.23
CA LEU C 180 7.59 -0.29 -14.00
C LEU C 180 6.79 0.27 -15.17
N ARG C 181 6.74 -0.49 -16.26
CA ARG C 181 6.02 -0.10 -17.47
C ARG C 181 4.61 0.45 -17.12
N THR C 182 4.28 1.64 -17.59
CA THR C 182 2.90 2.12 -17.47
C THR C 182 2.53 2.64 -18.83
N ASP C 183 1.37 2.23 -19.34
CA ASP C 183 0.84 2.82 -20.57
C ASP C 183 -0.51 3.44 -20.22
N SER C 184 -0.60 4.74 -20.44
CA SER C 184 -1.84 5.48 -20.16
C SER C 184 -2.94 5.02 -21.10
N PRO C 185 -4.19 5.05 -20.63
CA PRO C 185 -5.30 4.72 -21.52
C PRO C 185 -5.47 5.84 -22.55
N LYS C 186 -5.84 5.48 -23.78
CA LYS C 186 -6.40 6.45 -24.71
C LYS C 186 -7.90 6.23 -24.69
N ALA C 187 -8.66 7.30 -24.52
CA ALA C 187 -10.11 7.19 -24.33
C ALA C 187 -10.86 7.87 -25.47
N HIS C 188 -12.05 7.37 -25.74
CA HIS C 188 -12.97 8.03 -26.68
C HIS C 188 -14.37 7.58 -26.40
N VAL C 189 -15.34 8.38 -26.86
CA VAL C 189 -16.74 8.07 -26.66
C VAL C 189 -17.43 7.73 -27.98
N THR C 190 -18.11 6.60 -28.03
CA THR C 190 -18.94 6.25 -29.20
C THR C 190 -20.42 6.47 -28.88
N HIS C 191 -21.24 6.53 -29.95
CA HIS C 191 -22.65 6.91 -29.85
C HIS C 191 -23.41 5.83 -30.61
N HIS C 192 -24.43 5.23 -30.01
CA HIS C 192 -25.22 4.17 -30.70
C HIS C 192 -26.68 4.37 -30.40
N SER C 193 -27.57 3.94 -31.30
CA SER C 193 -29.00 4.22 -31.10
C SER C 193 -29.68 3.34 -30.04
N ARG C 194 -30.79 3.84 -29.47
CA ARG C 194 -31.68 3.05 -28.61
C ARG C 194 -33.13 3.21 -29.06
N PRO C 195 -34.05 2.38 -28.54
CA PRO C 195 -35.50 2.64 -28.67
C PRO C 195 -35.80 4.14 -28.48
N GLU C 196 -36.35 4.72 -29.51
CA GLU C 196 -35.59 5.83 -30.04
C GLU C 196 -35.70 7.27 -29.75
N ASP C 197 -36.39 7.83 -28.77
CA ASP C 197 -35.79 8.91 -27.95
C ASP C 197 -34.60 8.75 -27.02
N LYS C 198 -33.91 7.63 -27.11
CA LYS C 198 -32.74 7.37 -26.22
C LYS C 198 -31.52 7.02 -27.06
N VAL C 199 -30.32 7.23 -26.52
CA VAL C 199 -29.07 6.92 -27.26
C VAL C 199 -28.13 6.33 -26.21
N THR C 200 -27.19 5.52 -26.66
CA THR C 200 -26.17 4.96 -25.75
C THR C 200 -24.86 5.67 -26.00
N LEU C 201 -24.21 6.15 -24.92
CA LEU C 201 -22.88 6.72 -25.03
C LEU C 201 -22.00 5.70 -24.33
N ARG C 202 -20.93 5.36 -25.02
CA ARG C 202 -20.04 4.31 -24.55
C ARG C 202 -18.63 4.89 -24.49
N CYS C 203 -18.10 4.90 -23.26
CA CYS C 203 -16.80 5.49 -23.03
C CYS C 203 -15.80 4.35 -23.00
N TRP C 204 -14.85 4.40 -23.93
CA TRP C 204 -13.81 3.41 -24.07
C TRP C 204 -12.47 3.88 -23.53
N ALA C 205 -11.77 2.97 -22.85
CA ALA C 205 -10.36 3.11 -22.53
C ALA C 205 -9.57 1.95 -23.20
N LEU C 206 -8.52 2.30 -23.93
CA LEU C 206 -7.77 1.30 -24.69
C LEU C 206 -6.29 1.50 -24.47
N GLY C 207 -5.54 0.46 -24.77
CA GLY C 207 -4.09 0.52 -24.77
C GLY C 207 -3.44 0.74 -23.41
N PHE C 208 -4.09 0.39 -22.31
CA PHE C 208 -3.51 0.76 -21.01
C PHE C 208 -2.86 -0.43 -20.29
N TYR C 209 -1.99 -0.14 -19.34
CA TYR C 209 -1.24 -1.15 -18.57
C TYR C 209 -0.64 -0.38 -17.38
N PRO C 210 -0.78 -0.89 -16.15
CA PRO C 210 -1.48 -2.11 -15.72
C PRO C 210 -2.98 -2.09 -15.91
N ALA C 211 -3.63 -3.21 -15.62
CA ALA C 211 -5.06 -3.41 -15.91
C ALA C 211 -5.99 -2.58 -15.02
N ASP C 212 -5.53 -2.24 -13.81
CA ASP C 212 -6.35 -1.47 -12.87
C ASP C 212 -6.78 -0.15 -13.47
N ILE C 213 -8.09 0.12 -13.50
CA ILE C 213 -8.59 1.37 -14.09
C ILE C 213 -9.96 1.63 -13.54
N THR C 214 -10.44 2.89 -13.59
CA THR C 214 -11.86 3.15 -13.24
C THR C 214 -12.44 4.13 -14.26
N LEU C 215 -13.64 3.84 -14.75
CA LEU C 215 -14.39 4.68 -15.69
C LEU C 215 -15.64 5.10 -14.95
N THR C 216 -16.01 6.38 -15.04
CA THR C 216 -17.32 6.83 -14.49
C THR C 216 -17.99 7.73 -15.54
N TRP C 217 -19.29 7.86 -15.41
CA TRP C 217 -20.07 8.83 -16.16
C TRP C 217 -20.68 9.77 -15.12
N GLN C 218 -20.65 11.06 -15.41
CA GLN C 218 -21.21 12.08 -14.53
C GLN C 218 -22.28 12.84 -15.26
N LEU C 219 -23.33 13.17 -14.52
CA LEU C 219 -24.36 14.08 -15.01
C LEU C 219 -24.60 15.09 -13.87
N ASN C 220 -24.59 16.39 -14.17
CA ASN C 220 -24.85 17.41 -13.15
C ASN C 220 -23.98 17.17 -11.92
N GLY C 221 -22.71 16.87 -12.20
CA GLY C 221 -21.67 16.72 -11.19
C GLY C 221 -21.78 15.51 -10.30
N GLU C 222 -22.65 14.56 -10.63
CA GLU C 222 -22.73 13.36 -9.82
C GLU C 222 -22.53 12.09 -10.67
N GLU C 223 -21.82 11.11 -10.13
CA GLU C 223 -21.61 9.83 -10.84
C GLU C 223 -22.89 9.01 -10.95
N LEU C 224 -23.11 8.45 -12.14
CA LEU C 224 -24.25 7.61 -12.46
C LEU C 224 -23.93 6.16 -12.13
N ILE C 225 -24.67 5.55 -11.21
CA ILE C 225 -24.28 4.22 -10.74
C ILE C 225 -25.35 3.22 -11.14
N GLN C 226 -26.60 3.57 -10.88
CA GLN C 226 -27.71 2.76 -11.35
C GLN C 226 -27.71 2.82 -12.88
N ASP C 227 -27.84 1.66 -13.50
CA ASP C 227 -27.98 1.52 -14.95
C ASP C 227 -26.75 1.88 -15.78
N MET C 228 -25.62 2.25 -15.18
CA MET C 228 -24.38 2.31 -16.00
C MET C 228 -23.90 0.88 -16.30
N GLU C 229 -23.69 0.56 -17.58
CA GLU C 229 -23.25 -0.77 -17.95
C GLU C 229 -21.70 -0.74 -18.05
N LEU C 230 -21.05 -1.80 -17.58
CA LEU C 230 -19.59 -1.85 -17.56
C LEU C 230 -19.19 -3.24 -18.13
N VAL C 231 -18.00 -3.37 -18.71
CA VAL C 231 -17.51 -4.71 -18.99
C VAL C 231 -16.32 -4.92 -18.04
N GLU C 232 -16.06 -6.18 -17.69
CA GLU C 232 -14.84 -6.52 -16.97
C GLU C 232 -13.64 -6.15 -17.85
N THR C 233 -12.60 -5.60 -17.23
CA THR C 233 -11.41 -5.24 -17.93
C THR C 233 -10.88 -6.47 -18.64
N ARG C 234 -10.41 -6.31 -19.85
CA ARG C 234 -10.08 -7.49 -20.70
C ARG C 234 -8.80 -7.24 -21.49
N PRO C 235 -8.03 -8.31 -21.74
CA PRO C 235 -6.78 -8.14 -22.48
C PRO C 235 -7.01 -7.89 -23.97
N ALA C 236 -6.32 -6.93 -24.55
CA ALA C 236 -6.31 -6.75 -26.00
C ALA C 236 -5.56 -7.90 -26.68
N GLY C 237 -4.64 -8.51 -25.95
CA GLY C 237 -3.85 -9.63 -26.52
C GLY C 237 -2.43 -9.23 -26.86
N ASP C 238 -2.12 -7.93 -26.73
CA ASP C 238 -0.80 -7.41 -27.07
C ASP C 238 -0.07 -6.89 -25.83
N GLY C 239 -0.57 -7.26 -24.65
CA GLY C 239 0.00 -6.82 -23.38
C GLY C 239 -0.71 -5.61 -22.80
N THR C 240 -1.66 -5.05 -23.54
CA THR C 240 -2.46 -3.93 -23.01
C THR C 240 -3.88 -4.38 -22.71
N PHE C 241 -4.64 -3.51 -22.07
CA PHE C 241 -5.99 -3.86 -21.65
C PHE C 241 -7.02 -2.89 -22.18
N GLN C 242 -8.30 -3.23 -22.01
CA GLN C 242 -9.42 -2.45 -22.58
C GLN C 242 -10.52 -2.44 -21.54
N LYS C 243 -11.33 -1.40 -21.53
CA LYS C 243 -12.53 -1.44 -20.70
C LYS C 243 -13.47 -0.39 -21.33
N TRP C 244 -14.76 -0.58 -21.13
CA TRP C 244 -15.71 0.49 -21.45
C TRP C 244 -16.82 0.59 -20.44
N ALA C 245 -17.48 1.76 -20.41
CA ALA C 245 -18.65 1.90 -19.55
C ALA C 245 -19.66 2.69 -20.40
N SER C 246 -20.92 2.35 -20.30
CA SER C 246 -21.91 3.02 -21.17
C SER C 246 -23.11 3.48 -20.37
N VAL C 247 -23.80 4.51 -20.86
CA VAL C 247 -25.04 4.95 -20.23
C VAL C 247 -26.05 5.25 -21.33
N VAL C 248 -27.31 5.20 -20.96
CA VAL C 248 -28.38 5.47 -21.92
C VAL C 248 -28.88 6.86 -21.57
N VAL C 249 -28.91 7.75 -22.54
CA VAL C 249 -29.24 9.12 -22.20
C VAL C 249 -30.32 9.62 -23.18
N PRO C 250 -31.01 10.73 -22.84
CA PRO C 250 -32.02 11.27 -23.76
C PRO C 250 -31.42 11.80 -25.05
N LEU C 251 -32.08 11.54 -26.19
CA LEU C 251 -31.64 12.07 -27.46
C LEU C 251 -31.56 13.59 -27.36
N GLY C 252 -30.42 14.14 -27.75
CA GLY C 252 -30.22 15.56 -27.74
C GLY C 252 -29.53 16.05 -26.51
N LYS C 253 -29.40 15.20 -25.48
CA LYS C 253 -28.74 15.63 -24.23
C LYS C 253 -27.34 15.04 -24.05
N GLU C 254 -26.75 14.53 -25.14
CA GLU C 254 -25.38 13.97 -25.07
C GLU C 254 -24.32 14.87 -24.40
N GLN C 255 -24.35 16.18 -24.67
CA GLN C 255 -23.33 17.09 -24.15
C GLN C 255 -23.49 17.40 -22.66
N TYR C 256 -24.49 16.81 -22.01
CA TYR C 256 -24.66 17.04 -20.59
C TYR C 256 -23.98 15.93 -19.79
N TYR C 257 -23.43 14.93 -20.47
CA TYR C 257 -22.80 13.79 -19.76
C TYR C 257 -21.28 13.77 -20.01
N THR C 258 -20.49 13.45 -18.99
N THR C 258 -20.51 13.41 -18.99
CA THR C 258 -19.04 13.41 -19.19
CA THR C 258 -19.06 13.39 -19.13
C THR C 258 -18.47 12.11 -18.63
C THR C 258 -18.49 12.07 -18.62
N CYS C 259 -17.53 11.54 -19.35
CA CYS C 259 -16.88 10.30 -18.94
C CYS C 259 -15.58 10.70 -18.25
N HIS C 260 -15.21 9.97 -17.18
CA HIS C 260 -13.98 10.26 -16.47
C HIS C 260 -13.19 8.94 -16.39
N VAL C 261 -11.91 9.02 -16.68
CA VAL C 261 -11.04 7.83 -16.74
C VAL C 261 -9.90 8.05 -15.73
N TYR C 262 -9.71 7.07 -14.84
CA TYR C 262 -8.71 7.20 -13.75
C TYR C 262 -7.75 6.04 -13.91
N HIS C 263 -6.45 6.34 -13.95
CA HIS C 263 -5.42 5.31 -14.17
C HIS C 263 -4.10 5.84 -13.65
N GLN C 264 -3.27 4.95 -13.12
CA GLN C 264 -2.00 5.37 -12.54
C GLN C 264 -1.02 6.03 -13.53
N GLY C 265 -1.20 5.78 -14.84
CA GLY C 265 -0.33 6.42 -15.83
C GLY C 265 -0.64 7.87 -16.11
N LEU C 266 -1.82 8.33 -15.67
CA LEU C 266 -2.29 9.64 -16.09
C LEU C 266 -1.86 10.72 -15.10
N PRO C 267 -1.28 11.82 -15.60
CA PRO C 267 -0.99 12.98 -14.72
C PRO C 267 -2.26 13.51 -14.00
N GLU C 268 -3.41 13.41 -14.65
CA GLU C 268 -4.65 13.83 -14.06
C GLU C 268 -5.73 13.02 -14.78
N PRO C 269 -6.90 12.80 -14.14
CA PRO C 269 -7.87 11.94 -14.82
C PRO C 269 -8.29 12.56 -16.13
N LEU C 270 -8.71 11.71 -17.08
CA LEU C 270 -9.24 12.20 -18.33
C LEU C 270 -10.70 12.57 -18.13
N THR C 271 -11.15 13.62 -18.82
N THR C 271 -11.15 13.59 -18.84
CA THR C 271 -12.57 13.99 -18.87
CA THR C 271 -12.56 13.97 -18.87
C THR C 271 -12.92 14.11 -20.35
C THR C 271 -12.89 14.08 -20.36
N LEU C 272 -13.96 13.43 -20.79
CA LEU C 272 -14.32 13.51 -22.18
C LEU C 272 -15.82 13.45 -22.41
N ARG C 273 -16.22 13.91 -23.59
CA ARG C 273 -17.64 13.84 -23.99
C ARG C 273 -17.76 13.26 -25.38
N TRP C 274 -18.98 12.93 -25.76
CA TRP C 274 -19.29 12.58 -27.15
C TRP C 274 -18.97 13.77 -28.05
N GLU C 275 -18.19 13.53 -29.10
CA GLU C 275 -17.84 14.56 -30.06
C GLU C 275 -18.46 14.15 -31.40
N PRO C 276 -19.57 14.77 -31.76
CA PRO C 276 -20.14 14.38 -33.06
C PRO C 276 -19.17 14.77 -34.21
N PRO C 277 -18.93 13.86 -35.17
CA PRO C 277 -18.08 14.13 -36.35
C PRO C 277 -18.24 15.52 -37.02
N PRO C 278 -17.19 15.94 -37.73
CA PRO C 278 -17.09 17.28 -38.30
C PRO C 278 -18.36 17.87 -38.84
N ILE D 1 -17.82 -29.27 -7.20
CA ILE D 1 -18.17 -27.81 -7.33
C ILE D 1 -17.66 -27.19 -8.64
N GLN D 2 -18.59 -26.75 -9.47
CA GLN D 2 -18.27 -26.24 -10.79
C GLN D 2 -18.61 -24.76 -10.91
N LYS D 3 -17.80 -24.02 -11.67
CA LYS D 3 -18.08 -22.62 -11.93
C LYS D 3 -18.21 -22.44 -13.44
N THR D 4 -19.25 -21.71 -13.82
CA THR D 4 -19.63 -21.50 -15.24
C THR D 4 -18.77 -20.42 -15.92
N PRO D 5 -18.23 -20.70 -17.11
CA PRO D 5 -17.38 -19.70 -17.75
C PRO D 5 -18.13 -18.42 -18.13
N GLN D 6 -17.48 -17.28 -17.91
CA GLN D 6 -17.96 -16.00 -18.40
C GLN D 6 -17.17 -15.74 -19.65
N ILE D 7 -17.80 -15.12 -20.65
CA ILE D 7 -17.18 -15.01 -21.96
C ILE D 7 -17.34 -13.60 -22.50
N GLN D 8 -16.27 -13.06 -23.07
CA GLN D 8 -16.39 -11.81 -23.83
C GLN D 8 -15.81 -12.03 -25.20
N VAL D 9 -16.48 -11.52 -26.24
CA VAL D 9 -15.96 -11.60 -27.58
C VAL D 9 -15.78 -10.17 -28.11
N TYR D 10 -14.60 -9.86 -28.65
CA TYR D 10 -14.26 -8.45 -28.96
C TYR D 10 -13.00 -8.39 -29.75
N SER D 11 -12.87 -7.33 -30.55
CA SER D 11 -11.67 -7.14 -31.37
C SER D 11 -10.54 -6.47 -30.61
N ARG D 12 -9.31 -6.81 -30.98
CA ARG D 12 -8.15 -6.18 -30.38
C ARG D 12 -8.19 -4.68 -30.64
N HIS D 13 -8.51 -4.29 -31.88
CA HIS D 13 -8.54 -2.90 -32.27
C HIS D 13 -9.95 -2.49 -32.70
N PRO D 14 -10.30 -1.21 -32.61
CA PRO D 14 -11.66 -0.84 -33.04
C PRO D 14 -11.90 -1.32 -34.46
N PRO D 15 -13.05 -1.93 -34.71
CA PRO D 15 -13.20 -2.61 -36.00
C PRO D 15 -13.39 -1.59 -37.13
N GLU D 16 -12.79 -1.87 -38.28
CA GLU D 16 -12.97 -1.01 -39.45
C GLU D 16 -13.17 -1.98 -40.59
N ASN D 17 -14.29 -1.88 -41.30
CA ASN D 17 -14.51 -2.86 -42.36
C ASN D 17 -13.37 -2.85 -43.35
N GLY D 18 -12.89 -4.05 -43.72
CA GLY D 18 -11.81 -4.20 -44.68
C GLY D 18 -10.41 -4.09 -44.09
N LYS D 19 -10.31 -3.78 -42.81
CA LYS D 19 -9.00 -3.67 -42.19
C LYS D 19 -8.68 -4.86 -41.29
N PRO D 20 -7.55 -5.54 -41.53
CA PRO D 20 -7.17 -6.71 -40.75
C PRO D 20 -7.09 -6.39 -39.27
N ASN D 21 -7.55 -7.32 -38.44
CA ASN D 21 -7.70 -7.15 -37.01
C ASN D 21 -7.54 -8.53 -36.33
N ILE D 22 -7.84 -8.59 -35.04
CA ILE D 22 -7.80 -9.84 -34.27
C ILE D 22 -9.08 -9.91 -33.47
N LEU D 23 -9.77 -11.05 -33.53
CA LEU D 23 -10.98 -11.24 -32.74
C LEU D 23 -10.61 -12.13 -31.55
N ASN D 24 -10.95 -11.63 -30.35
CA ASN D 24 -10.64 -12.30 -29.08
C ASN D 24 -11.88 -12.97 -28.48
N CYS D 25 -11.67 -14.13 -27.85
CA CYS D 25 -12.68 -14.72 -27.01
C CYS D 25 -12.04 -14.94 -25.64
N TYR D 26 -12.35 -14.08 -24.68
CA TYR D 26 -11.72 -14.11 -23.35
C TYR D 26 -12.64 -14.89 -22.42
N VAL D 27 -12.16 -15.98 -21.81
CA VAL D 27 -13.04 -16.88 -21.08
C VAL D 27 -12.50 -17.02 -19.67
N THR D 28 -13.35 -16.70 -18.69
CA THR D 28 -12.90 -16.55 -17.31
C THR D 28 -13.85 -17.25 -16.34
N GLN D 29 -13.42 -17.35 -15.07
CA GLN D 29 -14.29 -17.81 -13.99
C GLN D 29 -14.78 -19.23 -14.07
N PHE D 30 -14.05 -20.11 -14.74
CA PHE D 30 -14.48 -21.48 -14.87
C PHE D 30 -13.66 -22.48 -14.03
N HIS D 31 -14.31 -23.58 -13.68
CA HIS D 31 -13.69 -24.67 -12.91
C HIS D 31 -14.63 -25.85 -13.13
N PRO D 32 -14.09 -27.02 -13.54
CA PRO D 32 -12.71 -27.44 -13.73
C PRO D 32 -12.00 -26.80 -14.91
N PRO D 33 -10.66 -27.00 -15.02
CA PRO D 33 -9.90 -26.37 -16.09
C PRO D 33 -10.18 -26.88 -17.50
N HIS D 34 -10.65 -28.14 -17.64
CA HIS D 34 -10.88 -28.67 -18.98
C HIS D 34 -12.01 -27.87 -19.64
N ILE D 35 -11.73 -27.31 -20.80
CA ILE D 35 -12.75 -26.53 -21.51
C ILE D 35 -12.49 -26.66 -22.98
N GLU D 36 -13.53 -26.51 -23.80
CA GLU D 36 -13.35 -26.53 -25.26
C GLU D 36 -13.90 -25.25 -25.86
N ILE D 37 -13.07 -24.59 -26.63
CA ILE D 37 -13.40 -23.24 -27.14
C ILE D 37 -13.25 -23.24 -28.64
N GLN D 38 -14.29 -22.80 -29.34
CA GLN D 38 -14.14 -22.66 -30.76
C GLN D 38 -14.67 -21.29 -31.14
N MET D 39 -14.20 -20.80 -32.28
CA MET D 39 -14.77 -19.57 -32.81
C MET D 39 -15.44 -19.90 -34.15
N LEU D 40 -16.49 -19.15 -34.48
CA LEU D 40 -17.36 -19.48 -35.60
C LEU D 40 -17.50 -18.26 -36.48
N LYS D 41 -17.45 -18.48 -37.78
CA LYS D 41 -17.74 -17.41 -38.70
C LYS D 41 -18.93 -17.80 -39.56
N ASN D 42 -19.99 -17.01 -39.49
CA ASN D 42 -21.20 -17.32 -40.22
C ASN D 42 -21.68 -18.74 -39.96
N GLY D 43 -21.60 -19.17 -38.71
CA GLY D 43 -22.12 -20.50 -38.29
C GLY D 43 -21.11 -21.63 -38.43
N LYS D 44 -20.01 -21.39 -39.15
CA LYS D 44 -19.01 -22.44 -39.34
C LYS D 44 -17.71 -22.24 -38.54
N LYS D 45 -17.22 -23.34 -37.98
CA LYS D 45 -16.02 -23.33 -37.17
C LYS D 45 -14.83 -22.76 -37.92
N ILE D 46 -14.11 -21.84 -37.28
CA ILE D 46 -12.87 -21.27 -37.84
C ILE D 46 -11.66 -22.18 -37.51
N PRO D 47 -10.95 -22.66 -38.55
CA PRO D 47 -9.90 -23.64 -38.22
C PRO D 47 -8.69 -23.07 -37.42
N LYS D 48 -8.26 -21.84 -37.73
CA LYS D 48 -7.04 -21.31 -37.13
C LYS D 48 -7.34 -20.44 -35.90
N VAL D 49 -7.41 -21.07 -34.73
CA VAL D 49 -7.64 -20.27 -33.52
C VAL D 49 -6.50 -20.54 -32.54
N GLU D 50 -5.88 -19.46 -32.08
CA GLU D 50 -4.75 -19.58 -31.18
C GLU D 50 -5.28 -19.50 -29.77
N MET D 51 -4.58 -20.16 -28.87
CA MET D 51 -5.00 -20.23 -27.49
C MET D 51 -3.84 -19.75 -26.63
N SER D 52 -4.08 -18.85 -25.70
CA SER D 52 -3.03 -18.45 -24.76
C SER D 52 -2.80 -19.56 -23.75
N ASP D 53 -1.71 -19.44 -23.01
CA ASP D 53 -1.54 -20.34 -21.89
C ASP D 53 -2.71 -20.12 -20.93
N MET D 54 -3.12 -21.16 -20.21
CA MET D 54 -4.18 -21.01 -19.21
C MET D 54 -3.59 -20.58 -17.90
N SER D 55 -4.33 -19.76 -17.17
CA SER D 55 -3.89 -19.28 -15.85
C SER D 55 -5.04 -19.43 -14.87
N PHE D 56 -4.81 -19.17 -13.59
CA PHE D 56 -5.95 -19.11 -12.65
C PHE D 56 -5.82 -17.96 -11.67
N SER D 57 -6.94 -17.60 -11.03
CA SER D 57 -7.00 -16.42 -10.15
C SER D 57 -6.98 -16.81 -8.68
N LYS D 58 -6.88 -15.82 -7.79
CA LYS D 58 -6.90 -16.09 -6.37
C LYS D 58 -8.13 -16.86 -5.85
N ASP D 59 -9.25 -16.79 -6.56
CA ASP D 59 -10.46 -17.53 -6.18
C ASP D 59 -10.47 -18.94 -6.78
N TRP D 60 -9.32 -19.35 -7.37
CA TRP D 60 -9.09 -20.69 -7.97
C TRP D 60 -9.62 -20.82 -9.39
N SER D 61 -10.48 -19.90 -9.83
CA SER D 61 -11.05 -20.06 -11.16
C SER D 61 -10.04 -19.83 -12.30
N PHE D 62 -10.22 -20.52 -13.41
CA PHE D 62 -9.30 -20.45 -14.53
C PHE D 62 -9.68 -19.36 -15.53
N TYR D 63 -8.70 -18.88 -16.32
CA TYR D 63 -8.99 -17.99 -17.45
C TYR D 63 -8.06 -18.23 -18.64
N ILE D 64 -8.53 -17.90 -19.84
CA ILE D 64 -7.74 -18.17 -21.01
C ILE D 64 -8.23 -17.27 -22.14
N LEU D 65 -7.33 -16.92 -23.04
CA LEU D 65 -7.69 -16.05 -24.18
C LEU D 65 -7.53 -16.85 -25.48
N ALA D 66 -8.61 -16.92 -26.24
CA ALA D 66 -8.61 -17.49 -27.60
C ALA D 66 -8.62 -16.34 -28.57
N HIS D 67 -7.91 -16.45 -29.68
CA HIS D 67 -7.95 -15.39 -30.71
C HIS D 67 -7.73 -15.90 -32.15
N THR D 68 -8.20 -15.11 -33.11
CA THR D 68 -8.06 -15.48 -34.51
C THR D 68 -7.87 -14.18 -35.31
N GLU D 69 -7.07 -14.25 -36.38
CA GLU D 69 -6.97 -13.13 -37.29
C GLU D 69 -8.28 -12.99 -38.08
N PHE D 70 -8.75 -11.77 -38.30
CA PHE D 70 -9.96 -11.60 -39.12
C PHE D 70 -10.00 -10.23 -39.72
N THR D 71 -10.69 -10.09 -40.84
CA THR D 71 -10.91 -8.78 -41.42
C THR D 71 -12.41 -8.54 -41.42
N PRO D 72 -12.90 -7.66 -40.55
CA PRO D 72 -14.37 -7.52 -40.47
C PRO D 72 -14.99 -6.96 -41.74
N THR D 73 -16.26 -7.32 -41.96
CA THR D 73 -17.00 -6.69 -43.05
C THR D 73 -18.34 -6.31 -42.49
N GLU D 74 -19.14 -5.60 -43.28
CA GLU D 74 -20.41 -5.12 -42.81
C GLU D 74 -21.33 -6.29 -42.40
N THR D 75 -21.21 -7.41 -43.10
CA THR D 75 -22.18 -8.47 -42.97
C THR D 75 -21.75 -9.81 -42.32
N ASP D 76 -20.46 -10.06 -42.13
CA ASP D 76 -20.08 -11.34 -41.50
C ASP D 76 -20.39 -11.35 -40.02
N THR D 77 -20.77 -12.52 -39.53
CA THR D 77 -21.11 -12.71 -38.15
C THR D 77 -20.07 -13.62 -37.52
N TYR D 78 -19.64 -13.26 -36.32
CA TYR D 78 -18.65 -14.08 -35.60
C TYR D 78 -19.17 -14.45 -34.23
N ALA D 79 -18.77 -15.62 -33.71
CA ALA D 79 -19.17 -16.02 -32.39
C ALA D 79 -18.07 -16.86 -31.78
N CYS D 80 -18.18 -17.04 -30.47
CA CYS D 80 -17.30 -17.91 -29.71
C CYS D 80 -18.19 -18.91 -29.02
N ARG D 81 -17.83 -20.18 -29.10
CA ARG D 81 -18.64 -21.23 -28.52
C ARG D 81 -17.84 -22.07 -27.52
N VAL D 82 -18.40 -22.25 -26.35
CA VAL D 82 -17.66 -22.79 -25.24
C VAL D 82 -18.39 -23.99 -24.69
N LYS D 83 -17.69 -25.11 -24.63
CA LYS D 83 -18.22 -26.32 -24.01
C LYS D 83 -17.47 -26.58 -22.69
N HIS D 84 -18.20 -26.75 -21.60
CA HIS D 84 -17.58 -26.92 -20.27
C HIS D 84 -18.51 -27.76 -19.38
N ASP D 85 -17.96 -28.61 -18.53
CA ASP D 85 -18.77 -29.48 -17.66
C ASP D 85 -19.85 -28.76 -16.81
N SER D 86 -19.67 -27.47 -16.56
CA SER D 86 -20.62 -26.71 -15.73
C SER D 86 -21.96 -26.43 -16.39
N MET D 87 -22.02 -26.61 -17.70
CA MET D 87 -23.25 -26.32 -18.47
C MET D 87 -23.69 -27.60 -19.20
N ALA D 88 -24.99 -27.83 -19.28
CA ALA D 88 -25.50 -29.01 -20.00
C ALA D 88 -25.24 -28.91 -21.49
N GLU D 89 -25.20 -27.67 -21.98
CA GLU D 89 -25.07 -27.39 -23.41
C GLU D 89 -23.97 -26.35 -23.69
N PRO D 90 -23.29 -26.44 -24.85
CA PRO D 90 -22.32 -25.40 -25.18
C PRO D 90 -22.97 -24.03 -25.16
N LYS D 91 -22.21 -23.02 -24.76
CA LYS D 91 -22.70 -21.66 -24.78
C LYS D 91 -22.10 -20.92 -25.96
N THR D 92 -22.93 -20.23 -26.75
CA THR D 92 -22.43 -19.44 -27.87
C THR D 92 -22.63 -17.95 -27.58
N VAL D 93 -21.57 -17.16 -27.78
CA VAL D 93 -21.62 -15.72 -27.59
C VAL D 93 -21.23 -15.02 -28.88
N TYR D 94 -22.11 -14.15 -29.36
CA TYR D 94 -21.87 -13.45 -30.60
C TYR D 94 -21.10 -12.16 -30.49
N TRP D 95 -20.24 -11.88 -31.47
CA TRP D 95 -19.51 -10.64 -31.48
C TRP D 95 -20.42 -9.46 -31.71
N ASP D 96 -20.36 -8.46 -30.83
CA ASP D 96 -21.13 -7.21 -31.10
C ASP D 96 -20.10 -6.17 -31.38
N ARG D 97 -20.07 -5.64 -32.61
CA ARG D 97 -18.96 -4.74 -32.95
C ARG D 97 -19.00 -3.40 -32.24
N ASP D 98 -20.07 -3.12 -31.51
CA ASP D 98 -20.13 -1.90 -30.72
C ASP D 98 -19.73 -2.15 -29.28
N MET D 99 -19.27 -3.37 -28.98
CA MET D 99 -18.89 -3.66 -27.62
C MET D 99 -17.49 -4.24 -27.56
N ARG E 1 -4.80 23.03 -0.05
CA ARG E 1 -5.64 24.10 0.55
C ARG E 1 -6.56 23.59 1.68
N GLN E 3 -9.59 23.41 4.47
CA GLN E 3 -11.00 23.76 4.39
C GLN E 3 -11.29 24.97 5.28
N ILE E 4 -12.48 25.52 5.09
CA ILE E 4 -13.05 26.48 6.03
C ILE E 4 -13.82 25.71 7.10
N PHE E 5 -13.38 25.79 8.36
CA PHE E 5 -14.06 25.03 9.38
C PHE E 5 -15.39 25.66 9.79
N ALA E 6 -16.29 24.81 10.27
CA ALA E 6 -17.58 25.21 10.82
C ALA E 6 -17.51 25.28 12.33
N ASN E 7 -18.22 26.24 12.92
CA ASN E 7 -18.23 26.30 14.38
C ASN E 7 -18.82 25.05 15.01
N ILE E 8 -18.23 24.59 16.11
CA ILE E 8 -18.80 23.44 16.80
C ILE E 8 -19.96 23.84 17.71
N ARG F 1 12.34 -18.48 -7.10
CA ARG F 1 12.53 -19.94 -7.09
C ARG F 1 11.41 -20.58 -6.28
N GLN F 3 9.15 -23.38 -4.16
CA GLN F 3 9.50 -24.31 -3.11
C GLN F 3 9.42 -25.76 -3.61
N ILE F 4 9.93 -26.67 -2.77
CA ILE F 4 9.73 -28.08 -2.99
C ILE F 4 8.49 -28.40 -2.16
N PHE F 5 7.42 -28.89 -2.78
CA PHE F 5 6.20 -29.15 -2.03
C PHE F 5 6.28 -30.48 -1.26
N ALA F 6 5.58 -30.53 -0.13
CA ALA F 6 5.45 -31.74 0.70
C ALA F 6 4.19 -32.52 0.32
N ASN F 7 4.27 -33.85 0.38
CA ASN F 7 3.10 -34.65 0.01
C ASN F 7 1.95 -34.36 0.97
N ILE F 8 0.73 -34.32 0.46
CA ILE F 8 -0.40 -34.10 1.37
C ILE F 8 -0.88 -35.42 2.00
#